data_2I1P
#
_entry.id   2I1P
#
loop_
_entity.id
_entity.type
_entity.pdbx_description
1 polymer 'Low-density lipoprotein receptor-related protein 2'
2 non-polymer 'CALCIUM ION'
#
_entity_poly.entity_id   1
_entity_poly.type   'polypeptide(L)'
_entity_poly.pdbx_seq_one_letter_code
;GAMVLNCTSAQFKCADGSSCINSRYRCDGVYDCRDNSDEAGCPTRPPG
;
_entity_poly.pdbx_strand_id   A
#
loop_
_chem_comp.id
_chem_comp.type
_chem_comp.name
_chem_comp.formula
CA non-polymer 'CALCIUM ION' 'Ca 2'
#
# COMPACT_ATOMS: atom_id res chain seq x y z
N GLY A 1 6.98 13.18 -3.40
CA GLY A 1 7.64 12.25 -4.28
C GLY A 1 9.09 12.04 -3.87
N ALA A 2 9.29 11.56 -2.64
CA ALA A 2 10.63 11.35 -2.12
C ALA A 2 11.14 9.96 -2.54
N MET A 3 11.95 9.95 -3.59
CA MET A 3 12.44 8.70 -4.20
C MET A 3 11.29 7.86 -4.71
N VAL A 4 10.74 8.27 -5.84
CA VAL A 4 9.61 7.59 -6.44
C VAL A 4 10.04 6.23 -6.98
N LEU A 5 9.36 5.20 -6.52
CA LEU A 5 9.64 3.84 -6.94
C LEU A 5 8.78 3.47 -8.13
N ASN A 6 9.31 2.62 -8.99
CA ASN A 6 8.59 2.19 -10.18
C ASN A 6 7.91 0.86 -9.92
N CYS A 7 6.63 0.80 -10.24
CA CYS A 7 5.83 -0.39 -10.06
C CYS A 7 4.96 -0.62 -11.29
N THR A 8 4.19 -1.69 -11.27
CA THR A 8 3.29 -1.98 -12.38
C THR A 8 1.94 -1.29 -12.16
N SER A 9 1.00 -1.55 -13.05
CA SER A 9 -0.36 -1.04 -12.91
C SER A 9 -1.14 -1.87 -11.91
N ALA A 10 -0.67 -3.10 -11.67
CA ALA A 10 -1.32 -4.01 -10.73
C ALA A 10 -0.84 -3.75 -9.30
N GLN A 11 0.42 -3.38 -9.16
CA GLN A 11 1.00 -3.12 -7.84
C GLN A 11 0.48 -1.81 -7.27
N PHE A 12 0.43 -1.73 -5.95
CA PHE A 12 -0.06 -0.55 -5.26
C PHE A 12 1.08 0.41 -4.95
N LYS A 13 1.01 1.59 -5.53
CA LYS A 13 1.95 2.65 -5.20
C LYS A 13 1.49 3.37 -3.94
N CYS A 14 2.45 3.71 -3.09
CA CYS A 14 2.18 4.48 -1.87
C CYS A 14 1.63 5.86 -2.23
N ALA A 15 1.08 6.54 -1.23
CA ALA A 15 0.46 7.85 -1.44
C ALA A 15 1.45 8.88 -1.97
N ASP A 16 2.64 8.93 -1.38
CA ASP A 16 3.69 9.83 -1.84
C ASP A 16 4.39 9.25 -3.08
N GLY A 17 4.24 7.95 -3.27
CA GLY A 17 4.87 7.27 -4.40
C GLY A 17 6.29 6.81 -4.09
N SER A 18 6.69 6.93 -2.84
CA SER A 18 8.05 6.61 -2.42
C SER A 18 8.31 5.09 -2.39
N SER A 19 7.25 4.31 -2.39
CA SER A 19 7.37 2.86 -2.38
C SER A 19 6.19 2.21 -3.10
N CYS A 20 6.38 0.97 -3.55
CA CYS A 20 5.29 0.19 -4.11
C CYS A 20 5.24 -1.16 -3.45
N ILE A 21 4.03 -1.61 -3.13
CA ILE A 21 3.83 -2.92 -2.53
C ILE A 21 2.87 -3.74 -3.38
N ASN A 22 2.73 -5.01 -3.05
CA ASN A 22 1.82 -5.87 -3.78
C ASN A 22 0.37 -5.55 -3.43
N SER A 23 -0.52 -5.90 -4.35
CA SER A 23 -1.95 -5.77 -4.12
C SER A 23 -2.41 -6.84 -3.13
N ARG A 24 -1.58 -7.86 -2.93
CA ARG A 24 -1.86 -8.91 -1.97
C ARG A 24 -1.47 -8.45 -0.56
N TYR A 25 -0.74 -7.34 -0.52
CA TYR A 25 -0.33 -6.73 0.74
C TYR A 25 -1.17 -5.49 1.01
N ARG A 26 -2.34 -5.49 0.42
CA ARG A 26 -3.37 -4.51 0.75
C ARG A 26 -4.41 -5.19 1.63
N CYS A 27 -4.53 -4.70 2.87
CA CYS A 27 -5.41 -5.28 3.90
C CYS A 27 -4.89 -6.63 4.39
N ASP A 28 -3.95 -6.59 5.31
CA ASP A 28 -3.38 -7.81 5.90
C ASP A 28 -3.19 -7.65 7.40
N GLY A 29 -2.97 -6.43 7.86
CA GLY A 29 -2.80 -6.17 9.27
C GLY A 29 -1.60 -5.28 9.55
N VAL A 30 -0.55 -5.44 8.77
CA VAL A 30 0.70 -4.69 8.96
C VAL A 30 0.72 -3.46 8.07
N TYR A 31 1.59 -2.50 8.38
CA TYR A 31 1.68 -1.29 7.59
C TYR A 31 2.90 -1.33 6.68
N ASP A 32 2.63 -1.39 5.38
CA ASP A 32 3.67 -1.61 4.38
C ASP A 32 4.11 -0.31 3.73
N CYS A 33 3.25 0.70 3.78
CA CYS A 33 3.53 1.97 3.14
C CYS A 33 4.45 2.83 4.00
N ARG A 34 4.71 4.05 3.53
CA ARG A 34 5.53 5.01 4.27
C ARG A 34 4.82 5.45 5.54
N ASP A 35 3.51 5.62 5.42
CA ASP A 35 2.67 5.94 6.57
C ASP A 35 1.85 4.70 6.94
N ASN A 36 0.67 4.61 6.37
CA ASN A 36 -0.23 3.48 6.59
C ASN A 36 -1.35 3.50 5.56
N SER A 37 -1.09 4.13 4.42
CA SER A 37 -2.09 4.34 3.36
C SER A 37 -2.58 3.02 2.75
N ASP A 38 -1.78 1.98 2.91
CA ASP A 38 -2.13 0.65 2.44
C ASP A 38 -3.32 0.08 3.21
N GLU A 39 -3.42 0.41 4.49
CA GLU A 39 -4.53 -0.07 5.30
C GLU A 39 -5.48 1.06 5.67
N ALA A 40 -5.12 2.29 5.32
CA ALA A 40 -5.99 3.43 5.50
C ALA A 40 -7.08 3.42 4.45
N GLY A 41 -6.67 3.17 3.21
CA GLY A 41 -7.62 3.00 2.12
C GLY A 41 -8.11 1.57 2.05
N CYS A 42 -8.68 1.11 3.14
CA CYS A 42 -9.12 -0.27 3.27
C CYS A 42 -10.37 -0.33 4.15
N PRO A 43 -11.23 -1.38 3.96
CA PRO A 43 -12.43 -1.58 4.78
C PRO A 43 -12.17 -1.46 6.28
N THR A 44 -12.94 -0.59 6.94
CA THR A 44 -12.80 -0.37 8.36
C THR A 44 -13.47 -1.48 9.15
N ARG A 45 -12.66 -2.40 9.67
CA ARG A 45 -13.10 -3.58 10.40
C ARG A 45 -14.05 -4.45 9.57
N PRO A 46 -13.50 -5.40 8.81
CA PRO A 46 -14.27 -6.27 7.92
C PRO A 46 -15.26 -7.17 8.66
N PRO A 47 -16.55 -7.13 8.27
CA PRO A 47 -17.60 -7.94 8.89
C PRO A 47 -17.44 -9.42 8.59
N GLY A 48 -17.65 -10.25 9.60
CA GLY A 48 -17.51 -11.68 9.45
C GLY A 48 -16.98 -12.31 10.71
CA CA B . -0.56 -3.83 4.38
N GLY A 1 17.30 13.87 -11.15
CA GLY A 1 16.67 12.58 -11.02
C GLY A 1 16.81 12.02 -9.63
N ALA A 2 15.94 11.08 -9.29
CA ALA A 2 15.94 10.49 -7.96
C ALA A 2 15.84 8.98 -8.07
N MET A 3 15.75 8.30 -6.93
CA MET A 3 15.61 6.86 -6.92
C MET A 3 14.21 6.48 -6.45
N VAL A 4 13.36 6.15 -7.39
CA VAL A 4 12.00 5.74 -7.09
C VAL A 4 11.85 4.24 -7.33
N LEU A 5 11.07 3.59 -6.50
CA LEU A 5 10.81 2.16 -6.65
C LEU A 5 10.01 1.90 -7.92
N ASN A 6 10.40 0.86 -8.65
CA ASN A 6 9.73 0.53 -9.91
C ASN A 6 8.57 -0.43 -9.66
N CYS A 7 7.41 -0.08 -10.19
CA CYS A 7 6.21 -0.89 -10.00
C CYS A 7 5.43 -0.99 -11.29
N THR A 8 4.50 -1.92 -11.33
CA THR A 8 3.61 -2.07 -12.45
C THR A 8 2.21 -1.54 -12.08
N SER A 9 1.31 -1.49 -13.06
CA SER A 9 -0.01 -0.91 -12.86
C SER A 9 -0.99 -1.90 -12.21
N ALA A 10 -0.44 -2.98 -11.66
CA ALA A 10 -1.24 -3.93 -10.89
C ALA A 10 -0.77 -3.96 -9.44
N GLN A 11 0.17 -3.07 -9.11
CA GLN A 11 0.72 -2.99 -7.78
C GLN A 11 0.23 -1.73 -7.08
N PHE A 12 0.14 -1.77 -5.76
CA PHE A 12 -0.30 -0.62 -4.99
C PHE A 12 0.87 0.30 -4.71
N LYS A 13 0.75 1.53 -5.18
CA LYS A 13 1.76 2.55 -4.92
C LYS A 13 1.49 3.25 -3.61
N CYS A 14 2.55 3.56 -2.88
CA CYS A 14 2.48 4.39 -1.69
C CYS A 14 1.87 5.75 -2.06
N ALA A 15 1.09 6.33 -1.16
CA ALA A 15 0.43 7.60 -1.43
C ALA A 15 1.42 8.74 -1.54
N ASP A 16 2.57 8.58 -0.88
CA ASP A 16 3.65 9.56 -0.95
C ASP A 16 4.38 9.45 -2.30
N GLY A 17 4.25 8.29 -2.94
CA GLY A 17 4.90 8.06 -4.23
C GLY A 17 6.35 7.65 -4.08
N SER A 18 6.62 6.84 -3.07
CA SER A 18 7.98 6.37 -2.81
C SER A 18 8.11 4.90 -3.20
N SER A 19 7.64 4.02 -2.33
CA SER A 19 7.76 2.58 -2.54
C SER A 19 6.49 2.02 -3.16
N CYS A 20 6.60 0.82 -3.71
CA CYS A 20 5.45 0.11 -4.25
C CYS A 20 5.34 -1.24 -3.58
N ILE A 21 4.12 -1.65 -3.28
CA ILE A 21 3.87 -2.95 -2.69
C ILE A 21 2.90 -3.71 -3.59
N ASN A 22 2.74 -5.00 -3.33
CA ASN A 22 1.84 -5.81 -4.12
C ASN A 22 0.38 -5.54 -3.76
N SER A 23 -0.52 -6.01 -4.61
CA SER A 23 -1.95 -5.89 -4.38
C SER A 23 -2.40 -6.79 -3.21
N ARG A 24 -1.56 -7.79 -2.90
CA ARG A 24 -1.84 -8.69 -1.79
C ARG A 24 -1.39 -8.06 -0.47
N TYR A 25 -0.75 -6.92 -0.57
CA TYR A 25 -0.29 -6.18 0.60
C TYR A 25 -1.19 -4.96 0.82
N ARG A 26 -2.34 -4.96 0.17
CA ARG A 26 -3.37 -3.99 0.44
C ARG A 26 -4.42 -4.65 1.33
N CYS A 27 -4.56 -4.13 2.56
CA CYS A 27 -5.51 -4.64 3.56
C CYS A 27 -5.13 -6.03 4.05
N ASP A 28 -4.33 -6.07 5.11
CA ASP A 28 -3.91 -7.33 5.70
C ASP A 28 -3.76 -7.18 7.23
N GLY A 29 -3.17 -6.08 7.66
CA GLY A 29 -3.00 -5.83 9.09
C GLY A 29 -1.67 -5.21 9.42
N VAL A 30 -0.66 -5.48 8.60
CA VAL A 30 0.69 -4.96 8.83
C VAL A 30 0.93 -3.74 7.96
N TYR A 31 1.60 -2.74 8.48
CA TYR A 31 1.82 -1.49 7.74
C TYR A 31 3.05 -1.59 6.86
N ASP A 32 2.82 -1.52 5.55
CA ASP A 32 3.88 -1.65 4.55
C ASP A 32 4.35 -0.28 4.09
N CYS A 33 3.40 0.58 3.75
CA CYS A 33 3.69 1.91 3.22
C CYS A 33 4.03 2.87 4.34
N ARG A 34 4.93 3.81 4.05
CA ARG A 34 5.35 4.79 5.05
C ARG A 34 4.26 5.83 5.30
N ASP A 35 3.33 5.92 4.36
CA ASP A 35 2.19 6.83 4.48
C ASP A 35 0.99 6.10 5.07
N ASN A 36 1.16 4.78 5.24
CA ASN A 36 0.20 3.91 5.93
C ASN A 36 -1.10 3.71 5.15
N SER A 37 -1.10 4.07 3.86
CA SER A 37 -2.31 3.99 3.04
C SER A 37 -2.57 2.57 2.54
N ASP A 38 -1.69 1.65 2.90
CA ASP A 38 -1.85 0.24 2.57
C ASP A 38 -2.81 -0.44 3.55
N GLU A 39 -3.10 0.25 4.64
CA GLU A 39 -4.01 -0.26 5.66
C GLU A 39 -5.10 0.77 5.95
N ALA A 40 -4.86 2.01 5.55
CA ALA A 40 -5.85 3.07 5.66
C ALA A 40 -6.72 3.10 4.41
N GLY A 41 -8.03 3.00 4.61
CA GLY A 41 -8.94 2.88 3.49
C GLY A 41 -9.16 1.42 3.15
N CYS A 42 -9.13 0.60 4.19
CA CYS A 42 -9.24 -0.83 4.06
C CYS A 42 -10.45 -1.34 4.83
N PRO A 43 -11.01 -2.49 4.44
CA PRO A 43 -12.06 -3.18 5.21
C PRO A 43 -11.63 -3.41 6.66
N THR A 44 -12.38 -2.83 7.58
CA THR A 44 -12.09 -2.94 9.00
C THR A 44 -12.28 -4.38 9.49
N ARG A 45 -11.27 -4.90 10.18
CA ARG A 45 -11.29 -6.28 10.62
C ARG A 45 -11.54 -6.38 12.12
N PRO A 46 -12.75 -6.81 12.51
CA PRO A 46 -13.10 -7.00 13.92
C PRO A 46 -12.55 -8.30 14.50
N PRO A 47 -12.09 -8.28 15.76
CA PRO A 47 -11.48 -9.45 16.41
C PRO A 47 -12.52 -10.44 16.95
N GLY A 48 -13.34 -10.96 16.05
CA GLY A 48 -14.34 -11.93 16.42
C GLY A 48 -15.08 -12.45 15.21
CA CA B . -0.75 -3.63 4.33
N GLY A 1 8.94 12.55 -1.69
CA GLY A 1 10.37 12.47 -1.54
C GLY A 1 11.08 12.70 -2.84
N ALA A 2 12.39 12.49 -2.85
CA ALA A 2 13.18 12.65 -4.06
C ALA A 2 13.49 11.31 -4.70
N MET A 3 12.85 10.28 -4.19
CA MET A 3 13.02 8.92 -4.68
C MET A 3 11.65 8.28 -4.89
N VAL A 4 11.27 8.13 -6.15
CA VAL A 4 10.00 7.54 -6.48
C VAL A 4 10.20 6.14 -7.08
N LEU A 5 9.38 5.22 -6.62
CA LEU A 5 9.39 3.87 -7.13
C LEU A 5 8.34 3.72 -8.21
N ASN A 6 8.79 3.52 -9.43
CA ASN A 6 7.90 3.35 -10.56
C ASN A 6 7.51 1.90 -10.72
N CYS A 7 6.38 1.54 -10.13
CA CYS A 7 5.90 0.17 -10.16
C CYS A 7 4.91 -0.05 -11.28
N THR A 8 4.40 -1.26 -11.37
CA THR A 8 3.36 -1.60 -12.32
C THR A 8 2.02 -1.02 -11.85
N SER A 9 1.03 -1.03 -12.74
CA SER A 9 -0.31 -0.58 -12.40
C SER A 9 -1.04 -1.65 -11.59
N ALA A 10 -0.48 -2.85 -11.58
CA ALA A 10 -1.00 -3.94 -10.79
C ALA A 10 -0.57 -3.82 -9.32
N GLN A 11 0.67 -3.40 -9.11
CA GLN A 11 1.20 -3.26 -7.76
C GLN A 11 0.64 -2.00 -7.09
N PHE A 12 0.58 -2.03 -5.76
CA PHE A 12 0.04 -0.93 -5.00
C PHE A 12 1.12 0.12 -4.74
N LYS A 13 0.83 1.35 -5.13
CA LYS A 13 1.77 2.45 -4.97
C LYS A 13 1.51 3.19 -3.66
N CYS A 14 2.58 3.60 -3.00
CA CYS A 14 2.50 4.46 -1.82
C CYS A 14 1.86 5.80 -2.21
N ALA A 15 1.37 6.54 -1.21
CA ALA A 15 0.75 7.83 -1.48
C ALA A 15 1.79 8.85 -1.94
N ASP A 16 2.99 8.75 -1.39
CA ASP A 16 4.11 9.58 -1.83
C ASP A 16 4.75 8.99 -3.08
N GLY A 17 4.58 7.68 -3.26
CA GLY A 17 5.25 6.97 -4.35
C GLY A 17 6.63 6.52 -3.95
N SER A 18 6.89 6.53 -2.66
CA SER A 18 8.19 6.15 -2.11
C SER A 18 8.48 4.66 -2.31
N SER A 19 7.48 3.83 -2.07
CA SER A 19 7.63 2.39 -2.20
C SER A 19 6.41 1.80 -2.90
N CYS A 20 6.55 0.57 -3.39
CA CYS A 20 5.43 -0.15 -3.97
C CYS A 20 5.37 -1.55 -3.41
N ILE A 21 4.17 -1.96 -3.03
CA ILE A 21 3.95 -3.27 -2.48
C ILE A 21 3.02 -4.06 -3.40
N ASN A 22 2.76 -5.32 -3.06
CA ASN A 22 1.86 -6.12 -3.87
C ASN A 22 0.42 -5.82 -3.52
N SER A 23 -0.47 -6.08 -4.46
CA SER A 23 -1.90 -5.85 -4.28
C SER A 23 -2.50 -6.80 -3.23
N ARG A 24 -1.81 -7.92 -2.98
CA ARG A 24 -2.22 -8.88 -1.96
C ARG A 24 -1.95 -8.33 -0.55
N TYR A 25 -1.12 -7.31 -0.48
CA TYR A 25 -0.77 -6.67 0.78
C TYR A 25 -1.68 -5.48 1.05
N ARG A 26 -2.74 -5.35 0.28
CA ARG A 26 -3.74 -4.33 0.54
C ARG A 26 -4.71 -4.85 1.59
N CYS A 27 -4.76 -4.15 2.74
CA CYS A 27 -5.56 -4.58 3.89
C CYS A 27 -5.08 -5.92 4.44
N ASP A 28 -3.80 -5.99 4.76
CA ASP A 28 -3.18 -7.22 5.23
C ASP A 28 -2.83 -7.15 6.72
N GLY A 29 -2.82 -5.93 7.28
CA GLY A 29 -2.57 -5.76 8.69
C GLY A 29 -1.20 -5.18 8.99
N VAL A 30 -0.35 -5.07 7.98
CA VAL A 30 1.00 -4.56 8.16
C VAL A 30 1.12 -3.15 7.58
N TYR A 31 1.91 -2.29 8.21
CA TYR A 31 2.15 -0.95 7.69
C TYR A 31 3.44 -0.91 6.88
N ASP A 32 3.35 -1.24 5.60
CA ASP A 32 4.52 -1.30 4.72
C ASP A 32 4.81 0.08 4.15
N CYS A 33 3.78 0.71 3.63
CA CYS A 33 3.86 2.09 3.17
C CYS A 33 4.00 3.01 4.37
N ARG A 34 4.89 3.98 4.28
CA ARG A 34 5.16 4.89 5.39
C ARG A 34 4.07 5.95 5.52
N ASP A 35 3.13 5.94 4.59
CA ASP A 35 1.99 6.84 4.62
C ASP A 35 0.72 6.10 5.02
N ASN A 36 0.89 4.80 5.36
CA ASN A 36 -0.19 3.93 5.88
C ASN A 36 -1.31 3.68 4.87
N SER A 37 -1.08 4.00 3.59
CA SER A 37 -2.14 3.97 2.59
C SER A 37 -2.53 2.55 2.18
N ASP A 38 -1.68 1.56 2.48
CA ASP A 38 -1.99 0.18 2.12
C ASP A 38 -2.97 -0.44 3.11
N GLU A 39 -3.11 0.18 4.27
CA GLU A 39 -3.93 -0.35 5.34
C GLU A 39 -5.18 0.49 5.54
N ALA A 40 -5.01 1.80 5.51
CA ALA A 40 -6.10 2.73 5.75
C ALA A 40 -7.06 2.77 4.57
N GLY A 41 -8.34 2.88 4.88
CA GLY A 41 -9.36 2.97 3.85
C GLY A 41 -9.92 1.62 3.46
N CYS A 42 -9.97 0.71 4.40
CA CYS A 42 -10.50 -0.62 4.13
C CYS A 42 -11.58 -0.98 5.15
N PRO A 43 -12.65 -1.67 4.70
CA PRO A 43 -13.69 -2.19 5.59
C PRO A 43 -13.17 -3.33 6.47
N THR A 44 -13.30 -3.16 7.79
CA THR A 44 -12.91 -4.20 8.73
C THR A 44 -13.81 -5.42 8.61
N ARG A 45 -13.19 -6.59 8.53
CA ARG A 45 -13.92 -7.83 8.34
C ARG A 45 -14.15 -8.53 9.68
N PRO A 46 -15.28 -9.26 9.82
CA PRO A 46 -15.57 -10.06 11.01
C PRO A 46 -14.61 -11.24 11.14
N PRO A 47 -14.55 -11.89 12.33
CA PRO A 47 -13.75 -13.10 12.53
C PRO A 47 -14.25 -14.27 11.66
N GLY A 48 -13.70 -14.38 10.47
CA GLY A 48 -14.07 -15.44 9.55
C GLY A 48 -13.00 -15.68 8.53
CA CA B . -0.28 -3.12 3.95
N GLY A 1 18.47 8.10 -1.12
CA GLY A 1 18.16 8.33 -2.51
C GLY A 1 17.01 7.45 -2.98
N ALA A 2 16.40 7.83 -4.09
CA ALA A 2 15.30 7.06 -4.68
C ALA A 2 15.85 5.84 -5.40
N MET A 3 15.46 4.66 -4.92
CA MET A 3 15.92 3.41 -5.51
C MET A 3 14.96 2.96 -6.61
N VAL A 4 15.49 2.21 -7.57
CA VAL A 4 14.67 1.62 -8.62
C VAL A 4 13.72 0.59 -8.01
N LEU A 5 12.43 0.85 -8.10
CA LEU A 5 11.43 0.00 -7.50
C LEU A 5 10.58 -0.66 -8.56
N ASN A 6 10.46 -1.98 -8.48
CA ASN A 6 9.66 -2.73 -9.42
C ASN A 6 8.20 -2.72 -9.00
N CYS A 7 7.42 -1.98 -9.77
CA CYS A 7 6.00 -1.85 -9.54
C CYS A 7 5.31 -1.34 -10.79
N THR A 8 4.21 -2.00 -11.15
CA THR A 8 3.43 -1.65 -12.32
C THR A 8 2.01 -1.27 -11.90
N SER A 9 1.08 -1.23 -12.85
CA SER A 9 -0.30 -0.82 -12.61
C SER A 9 -1.05 -1.80 -11.70
N ALA A 10 -0.50 -2.99 -11.53
CA ALA A 10 -1.10 -4.00 -10.68
C ALA A 10 -0.69 -3.84 -9.22
N GLN A 11 0.37 -3.09 -8.97
CA GLN A 11 0.88 -2.92 -7.62
C GLN A 11 0.41 -1.62 -7.00
N PHE A 12 0.33 -1.60 -5.68
CA PHE A 12 -0.13 -0.43 -4.94
C PHE A 12 1.04 0.49 -4.62
N LYS A 13 0.98 1.71 -5.11
CA LYS A 13 1.98 2.71 -4.80
C LYS A 13 1.61 3.44 -3.51
N CYS A 14 2.62 3.87 -2.75
CA CYS A 14 2.42 4.65 -1.54
C CYS A 14 1.74 5.98 -1.87
N ALA A 15 1.14 6.62 -0.87
CA ALA A 15 0.38 7.84 -1.08
C ALA A 15 1.29 9.01 -1.49
N ASP A 16 2.53 9.00 -1.00
CA ASP A 16 3.52 9.99 -1.39
C ASP A 16 4.02 9.71 -2.80
N GLY A 17 3.99 8.45 -3.19
CA GLY A 17 4.45 8.05 -4.51
C GLY A 17 5.87 7.53 -4.51
N SER A 18 6.37 7.19 -3.34
CA SER A 18 7.74 6.71 -3.21
C SER A 18 7.84 5.21 -3.47
N SER A 19 7.43 4.41 -2.48
CA SER A 19 7.52 2.96 -2.57
C SER A 19 6.27 2.37 -3.23
N CYS A 20 6.38 1.12 -3.66
CA CYS A 20 5.24 0.39 -4.20
C CYS A 20 5.27 -1.05 -3.73
N ILE A 21 4.17 -1.51 -3.15
CA ILE A 21 4.04 -2.89 -2.69
C ILE A 21 3.03 -3.63 -3.57
N ASN A 22 2.95 -4.94 -3.45
CA ASN A 22 2.02 -5.72 -4.25
C ASN A 22 0.59 -5.53 -3.78
N SER A 23 -0.36 -5.89 -4.64
CA SER A 23 -1.78 -5.78 -4.33
C SER A 23 -2.21 -6.78 -3.27
N ARG A 24 -1.39 -7.82 -3.05
CA ARG A 24 -1.68 -8.80 -2.02
C ARG A 24 -1.25 -8.27 -0.65
N TYR A 25 -0.57 -7.13 -0.66
CA TYR A 25 -0.14 -6.47 0.55
C TYR A 25 -1.04 -5.27 0.85
N ARG A 26 -2.22 -5.29 0.26
CA ARG A 26 -3.24 -4.31 0.59
C ARG A 26 -4.27 -4.94 1.52
N CYS A 27 -4.39 -4.37 2.73
CA CYS A 27 -5.35 -4.82 3.75
C CYS A 27 -5.05 -6.24 4.23
N ASP A 28 -4.11 -6.37 5.16
CA ASP A 28 -3.78 -7.67 5.74
C ASP A 28 -3.67 -7.58 7.26
N GLY A 29 -3.17 -6.45 7.76
CA GLY A 29 -3.06 -6.26 9.19
C GLY A 29 -1.84 -5.44 9.57
N VAL A 30 -0.77 -5.57 8.79
CA VAL A 30 0.48 -4.89 9.09
C VAL A 30 0.73 -3.77 8.09
N TYR A 31 0.97 -2.57 8.60
CA TYR A 31 1.23 -1.40 7.75
C TYR A 31 2.56 -1.55 7.02
N ASP A 32 2.50 -1.62 5.69
CA ASP A 32 3.67 -1.89 4.87
C ASP A 32 4.18 -0.62 4.20
N CYS A 33 3.26 0.27 3.85
CA CYS A 33 3.62 1.51 3.19
C CYS A 33 4.16 2.50 4.21
N ARG A 34 5.11 3.33 3.78
CA ARG A 34 5.68 4.36 4.63
C ARG A 34 4.68 5.50 4.84
N ASP A 35 3.63 5.50 4.02
CA ASP A 35 2.54 6.46 4.15
C ASP A 35 1.42 5.89 4.99
N ASN A 36 1.54 4.58 5.26
CA ASN A 36 0.52 3.80 6.00
C ASN A 36 -0.80 3.75 5.22
N SER A 37 -0.73 4.05 3.93
CA SER A 37 -1.93 4.17 3.09
C SER A 37 -2.52 2.80 2.75
N ASP A 38 -1.70 1.76 2.87
CA ASP A 38 -2.11 0.41 2.49
C ASP A 38 -3.19 -0.12 3.43
N GLU A 39 -3.11 0.27 4.69
CA GLU A 39 -4.07 -0.21 5.68
C GLU A 39 -4.93 0.92 6.23
N ALA A 40 -4.70 2.13 5.75
CA ALA A 40 -5.53 3.27 6.11
C ALA A 40 -6.53 3.55 4.99
N GLY A 41 -7.63 2.82 5.02
CA GLY A 41 -8.61 2.88 3.95
C GLY A 41 -8.66 1.58 3.19
N CYS A 42 -9.70 0.80 3.45
CA CYS A 42 -9.86 -0.49 2.80
C CYS A 42 -11.08 -0.48 1.88
N PRO A 43 -10.93 -1.03 0.65
CA PRO A 43 -12.04 -1.16 -0.30
C PRO A 43 -13.16 -2.07 0.23
N THR A 44 -14.34 -1.93 -0.34
CA THR A 44 -15.53 -2.65 0.10
C THR A 44 -15.35 -4.17 -0.01
N ARG A 45 -15.76 -4.88 1.04
CA ARG A 45 -15.70 -6.33 1.07
C ARG A 45 -17.10 -6.90 0.93
N PRO A 46 -17.32 -7.77 -0.08
CA PRO A 46 -18.63 -8.38 -0.32
C PRO A 46 -19.00 -9.42 0.75
N PRO A 47 -20.18 -9.29 1.36
CA PRO A 47 -20.67 -10.22 2.38
C PRO A 47 -21.23 -11.50 1.76
N GLY A 48 -20.37 -12.27 1.11
CA GLY A 48 -20.78 -13.50 0.47
C GLY A 48 -19.60 -14.41 0.24
CA CA B . -0.37 -4.13 4.29
N GLY A 1 24.34 0.36 -5.92
CA GLY A 1 23.15 0.21 -5.13
C GLY A 1 21.95 0.84 -5.80
N ALA A 2 21.03 1.35 -4.98
CA ALA A 2 19.80 1.99 -5.45
C ALA A 2 18.95 1.03 -6.27
N MET A 3 18.51 -0.05 -5.62
CA MET A 3 17.71 -1.08 -6.28
C MET A 3 16.45 -0.50 -6.87
N VAL A 4 16.35 -0.57 -8.19
CA VAL A 4 15.24 0.04 -8.92
C VAL A 4 13.93 -0.69 -8.64
N LEU A 5 13.03 0.02 -7.98
CA LEU A 5 11.73 -0.54 -7.67
C LEU A 5 10.76 -0.28 -8.82
N ASN A 6 10.48 -1.34 -9.58
CA ASN A 6 9.57 -1.24 -10.70
C ASN A 6 8.24 -1.88 -10.34
N CYS A 7 7.18 -1.16 -10.62
CA CYS A 7 5.85 -1.62 -10.28
C CYS A 7 4.94 -1.53 -11.49
N THR A 8 3.89 -2.33 -11.46
CA THR A 8 2.88 -2.33 -12.50
C THR A 8 1.70 -1.47 -12.06
N SER A 9 0.72 -1.32 -12.94
CA SER A 9 -0.47 -0.55 -12.63
C SER A 9 -1.49 -1.40 -11.86
N ALA A 10 -1.09 -2.64 -11.53
CA ALA A 10 -1.90 -3.53 -10.73
C ALA A 10 -1.41 -3.55 -9.28
N GLN A 11 -0.22 -3.01 -9.06
CA GLN A 11 0.37 -2.96 -7.73
C GLN A 11 -0.02 -1.67 -7.02
N PHE A 12 0.22 -1.62 -5.72
CA PHE A 12 -0.16 -0.46 -4.94
C PHE A 12 1.05 0.43 -4.66
N LYS A 13 1.07 1.61 -5.26
CA LYS A 13 2.08 2.61 -4.95
C LYS A 13 1.68 3.36 -3.69
N CYS A 14 2.66 3.63 -2.84
CA CYS A 14 2.45 4.39 -1.62
C CYS A 14 1.88 5.77 -1.92
N ALA A 15 1.07 6.30 -0.99
CA ALA A 15 0.48 7.63 -1.15
C ALA A 15 1.57 8.70 -1.09
N ASP A 16 2.67 8.37 -0.41
CA ASP A 16 3.85 9.22 -0.36
C ASP A 16 4.56 9.23 -1.72
N GLY A 17 4.42 8.12 -2.46
CA GLY A 17 4.98 8.02 -3.79
C GLY A 17 6.34 7.37 -3.81
N SER A 18 6.72 6.74 -2.71
CA SER A 18 8.01 6.08 -2.58
C SER A 18 8.00 4.72 -3.27
N SER A 19 7.67 3.69 -2.52
CA SER A 19 7.73 2.33 -3.02
C SER A 19 6.37 1.86 -3.51
N CYS A 20 6.38 0.75 -4.22
CA CYS A 20 5.17 0.12 -4.69
C CYS A 20 5.12 -1.32 -4.19
N ILE A 21 4.15 -1.61 -3.36
CA ILE A 21 4.01 -2.94 -2.80
C ILE A 21 3.03 -3.75 -3.61
N ASN A 22 3.05 -5.06 -3.44
CA ASN A 22 2.12 -5.92 -4.14
C ASN A 22 0.72 -5.73 -3.60
N SER A 23 -0.26 -5.97 -4.45
CA SER A 23 -1.68 -5.80 -4.11
C SER A 23 -2.13 -6.78 -3.02
N ARG A 24 -1.31 -7.80 -2.74
CA ARG A 24 -1.58 -8.74 -1.66
C ARG A 24 -1.35 -8.09 -0.31
N TYR A 25 -0.64 -6.96 -0.31
CA TYR A 25 -0.32 -6.24 0.90
C TYR A 25 -1.29 -5.10 1.14
N ARG A 26 -2.41 -5.11 0.43
CA ARG A 26 -3.45 -4.12 0.66
C ARG A 26 -4.35 -4.60 1.81
N CYS A 27 -4.27 -3.89 2.93
CA CYS A 27 -5.02 -4.23 4.15
C CYS A 27 -4.71 -5.65 4.61
N ASP A 28 -3.51 -5.84 5.13
CA ASP A 28 -3.03 -7.16 5.50
C ASP A 28 -2.65 -7.24 6.99
N GLY A 29 -2.58 -6.09 7.65
CA GLY A 29 -2.32 -6.07 9.08
C GLY A 29 -1.21 -5.12 9.48
N VAL A 30 -0.10 -5.17 8.76
CA VAL A 30 1.06 -4.36 9.09
C VAL A 30 1.24 -3.23 8.06
N TYR A 31 1.76 -2.09 8.50
CA TYR A 31 2.00 -0.96 7.60
C TYR A 31 3.21 -1.23 6.71
N ASP A 32 2.98 -1.28 5.41
CA ASP A 32 4.04 -1.49 4.43
C ASP A 32 4.49 -0.15 3.86
N CYS A 33 3.62 0.83 4.00
CA CYS A 33 3.87 2.17 3.48
C CYS A 33 4.62 3.02 4.50
N ARG A 34 4.93 4.25 4.11
CA ARG A 34 5.60 5.20 4.99
C ARG A 34 4.65 5.67 6.10
N ASP A 35 3.37 5.68 5.80
CA ASP A 35 2.36 6.02 6.79
C ASP A 35 1.44 4.82 7.04
N ASN A 36 0.33 4.74 6.31
CA ASN A 36 -0.63 3.65 6.47
C ASN A 36 -1.59 3.58 5.28
N SER A 37 -1.15 4.08 4.13
CA SER A 37 -1.98 4.14 2.94
C SER A 37 -2.33 2.75 2.41
N ASP A 38 -1.43 1.80 2.65
CA ASP A 38 -1.63 0.42 2.20
C ASP A 38 -2.66 -0.30 3.07
N GLU A 39 -2.89 0.22 4.25
CA GLU A 39 -3.85 -0.36 5.19
C GLU A 39 -5.11 0.49 5.27
N ALA A 40 -5.16 1.53 4.44
CA ALA A 40 -6.30 2.45 4.42
C ALA A 40 -7.04 2.34 3.10
N GLY A 41 -8.26 2.87 3.08
CA GLY A 41 -9.07 2.83 1.87
C GLY A 41 -9.82 1.53 1.75
N CYS A 42 -9.99 0.84 2.87
CA CYS A 42 -10.64 -0.45 2.89
C CYS A 42 -12.04 -0.31 3.50
N PRO A 43 -13.05 -0.97 2.90
CA PRO A 43 -14.42 -0.97 3.44
C PRO A 43 -14.49 -1.57 4.84
N THR A 44 -14.81 -0.73 5.82
CA THR A 44 -14.84 -1.13 7.21
C THR A 44 -16.23 -1.61 7.62
N ARG A 45 -16.26 -2.51 8.59
CA ARG A 45 -17.51 -3.03 9.14
C ARG A 45 -18.30 -1.93 9.86
N PRO A 46 -19.56 -1.70 9.46
CA PRO A 46 -20.43 -0.74 10.12
C PRO A 46 -21.11 -1.36 11.35
N PRO A 47 -21.23 -0.58 12.45
CA PRO A 47 -21.89 -1.06 13.68
C PRO A 47 -23.37 -1.38 13.47
N GLY A 48 -23.74 -2.63 13.75
CA GLY A 48 -25.11 -3.06 13.57
C GLY A 48 -25.52 -4.06 14.62
CA CA B . 0.48 -4.04 4.25
N GLY A 1 16.28 8.30 2.70
CA GLY A 1 15.93 9.39 1.83
C GLY A 1 14.85 9.01 0.85
N ALA A 2 14.40 9.96 0.05
CA ALA A 2 13.35 9.72 -0.92
C ALA A 2 13.91 9.13 -2.21
N MET A 3 13.27 8.09 -2.70
CA MET A 3 13.68 7.45 -3.94
C MET A 3 12.46 7.10 -4.78
N VAL A 4 12.62 7.09 -6.10
CA VAL A 4 11.53 6.75 -6.98
C VAL A 4 11.53 5.25 -7.26
N LEU A 5 10.50 4.58 -6.79
CA LEU A 5 10.35 3.15 -7.01
C LEU A 5 9.50 2.89 -8.25
N ASN A 6 9.96 2.00 -9.10
CA ASN A 6 9.24 1.68 -10.32
C ASN A 6 8.37 0.45 -10.10
N CYS A 7 7.08 0.65 -10.29
CA CYS A 7 6.10 -0.40 -10.11
C CYS A 7 5.24 -0.54 -11.36
N THR A 8 4.45 -1.59 -11.41
CA THR A 8 3.52 -1.80 -12.51
C THR A 8 2.10 -1.40 -12.08
N SER A 9 1.19 -1.36 -13.03
CA SER A 9 -0.19 -0.96 -12.78
C SER A 9 -0.96 -1.99 -11.96
N ALA A 10 -0.40 -3.21 -11.86
CA ALA A 10 -1.03 -4.28 -11.09
C ALA A 10 -0.53 -4.30 -9.64
N GLN A 11 0.33 -3.35 -9.30
CA GLN A 11 0.85 -3.21 -7.95
C GLN A 11 0.21 -2.00 -7.25
N PHE A 12 0.55 -1.82 -5.98
CA PHE A 12 0.02 -0.71 -5.20
C PHE A 12 1.13 0.26 -4.83
N LYS A 13 1.16 1.38 -5.53
CA LYS A 13 2.07 2.47 -5.21
C LYS A 13 1.57 3.23 -3.99
N CYS A 14 2.47 3.51 -3.06
CA CYS A 14 2.17 4.27 -1.87
C CYS A 14 1.67 5.66 -2.25
N ALA A 15 0.83 6.24 -1.40
CA ALA A 15 0.28 7.57 -1.68
C ALA A 15 1.37 8.63 -1.57
N ASP A 16 2.37 8.35 -0.74
CA ASP A 16 3.57 9.18 -0.67
C ASP A 16 4.47 8.92 -1.87
N GLY A 17 4.39 7.69 -2.40
CA GLY A 17 5.21 7.31 -3.55
C GLY A 17 6.59 6.85 -3.14
N SER A 18 6.74 6.50 -1.86
CA SER A 18 7.99 6.01 -1.33
C SER A 18 8.34 4.65 -1.92
N SER A 19 7.35 3.77 -1.93
CA SER A 19 7.56 2.43 -2.43
C SER A 19 6.30 1.91 -3.12
N CYS A 20 6.39 0.72 -3.68
CA CYS A 20 5.22 0.06 -4.26
C CYS A 20 5.20 -1.39 -3.83
N ILE A 21 4.16 -1.76 -3.11
CA ILE A 21 3.96 -3.15 -2.71
C ILE A 21 3.03 -3.81 -3.71
N ASN A 22 2.74 -5.07 -3.53
CA ASN A 22 1.76 -5.72 -4.39
C ASN A 22 0.36 -5.46 -3.87
N SER A 23 -0.61 -5.50 -4.75
CA SER A 23 -2.01 -5.30 -4.36
C SER A 23 -2.54 -6.51 -3.59
N ARG A 24 -1.74 -7.57 -3.51
CA ARG A 24 -2.10 -8.74 -2.72
C ARG A 24 -1.73 -8.52 -1.26
N TYR A 25 -1.02 -7.43 -1.00
CA TYR A 25 -0.63 -7.06 0.35
C TYR A 25 -1.51 -5.93 0.87
N ARG A 26 -2.57 -5.62 0.13
CA ARG A 26 -3.50 -4.57 0.50
C ARG A 26 -4.47 -5.05 1.58
N CYS A 27 -4.54 -4.31 2.70
CA CYS A 27 -5.42 -4.63 3.83
C CYS A 27 -5.06 -5.98 4.45
N ASP A 28 -4.08 -5.96 5.35
CA ASP A 28 -3.62 -7.18 6.00
C ASP A 28 -3.36 -6.96 7.50
N GLY A 29 -3.04 -5.72 7.87
CA GLY A 29 -2.75 -5.43 9.26
C GLY A 29 -1.40 -4.76 9.44
N VAL A 30 -0.41 -5.21 8.68
CA VAL A 30 0.95 -4.67 8.78
C VAL A 30 1.08 -3.44 7.88
N TYR A 31 1.56 -2.34 8.44
CA TYR A 31 1.73 -1.10 7.69
C TYR A 31 2.98 -1.15 6.83
N ASP A 32 2.78 -1.15 5.52
CA ASP A 32 3.88 -1.25 4.57
C ASP A 32 4.32 0.12 4.09
N CYS A 33 3.35 0.91 3.66
CA CYS A 33 3.61 2.23 3.11
C CYS A 33 4.01 3.20 4.21
N ARG A 34 4.87 4.15 3.87
CA ARG A 34 5.36 5.13 4.83
C ARG A 34 4.24 6.01 5.35
N ASP A 35 3.25 6.27 4.50
CA ASP A 35 2.10 7.09 4.89
C ASP A 35 0.88 6.22 5.21
N ASN A 36 1.11 4.90 5.27
CA ASN A 36 0.10 3.92 5.72
C ASN A 36 -1.06 3.75 4.74
N SER A 37 -0.85 4.10 3.48
CA SER A 37 -1.91 4.07 2.46
C SER A 37 -2.39 2.65 2.14
N ASP A 38 -1.52 1.66 2.40
CA ASP A 38 -1.84 0.27 2.13
C ASP A 38 -2.90 -0.27 3.07
N GLU A 39 -3.00 0.34 4.26
CA GLU A 39 -3.95 -0.10 5.27
C GLU A 39 -5.05 0.94 5.47
N ALA A 40 -4.76 2.19 5.11
CA ALA A 40 -5.72 3.27 5.25
C ALA A 40 -6.85 3.13 4.24
N GLY A 41 -8.06 2.92 4.75
CA GLY A 41 -9.21 2.69 3.90
C GLY A 41 -9.80 1.33 4.13
N CYS A 42 -8.95 0.40 4.54
CA CYS A 42 -9.35 -0.94 4.88
C CYS A 42 -10.03 -0.97 6.23
N PRO A 43 -11.11 -1.77 6.36
CA PRO A 43 -11.84 -1.92 7.63
C PRO A 43 -10.98 -2.53 8.73
N THR A 44 -10.93 -1.84 9.87
CA THR A 44 -10.16 -2.30 11.01
C THR A 44 -10.78 -3.56 11.61
N ARG A 45 -10.04 -4.65 11.54
CA ARG A 45 -10.50 -5.92 12.08
C ARG A 45 -10.10 -6.03 13.55
N PRO A 46 -10.86 -6.82 14.34
CA PRO A 46 -10.56 -7.07 15.76
C PRO A 46 -9.12 -7.58 15.97
N PRO A 47 -8.43 -7.03 16.99
CA PRO A 47 -7.02 -7.36 17.27
C PRO A 47 -6.81 -8.84 17.61
N GLY A 48 -5.78 -9.42 17.01
CA GLY A 48 -5.46 -10.81 17.26
C GLY A 48 -3.99 -10.99 17.57
CA CA B . -0.05 -3.96 4.05
N GLY A 1 20.51 11.55 -1.46
CA GLY A 1 19.96 10.22 -1.33
C GLY A 1 18.46 10.20 -1.56
N ALA A 2 18.02 9.43 -2.55
CA ALA A 2 16.60 9.27 -2.84
C ALA A 2 16.25 7.81 -2.96
N MET A 3 14.99 7.47 -2.76
CA MET A 3 14.55 6.09 -2.87
C MET A 3 13.39 5.96 -3.85
N VAL A 4 13.71 6.08 -5.13
CA VAL A 4 12.71 5.88 -6.19
C VAL A 4 12.88 4.50 -6.80
N LEU A 5 11.81 3.74 -6.85
CA LEU A 5 11.85 2.38 -7.38
C LEU A 5 10.93 2.25 -8.59
N ASN A 6 10.78 1.04 -9.10
CA ASN A 6 9.91 0.80 -10.25
C ASN A 6 8.93 -0.33 -9.94
N CYS A 7 7.66 -0.07 -10.23
CA CYS A 7 6.60 -1.03 -9.96
C CYS A 7 5.54 -0.95 -11.06
N THR A 8 4.66 -1.94 -11.11
CA THR A 8 3.59 -1.94 -12.08
C THR A 8 2.35 -1.27 -11.50
N SER A 9 1.40 -0.90 -12.35
CA SER A 9 0.16 -0.24 -11.94
C SER A 9 -0.78 -1.24 -11.24
N ALA A 10 -0.49 -2.53 -11.40
CA ALA A 10 -1.24 -3.57 -10.71
C ALA A 10 -0.83 -3.65 -9.25
N GLN A 11 0.39 -3.21 -8.97
CA GLN A 11 0.90 -3.16 -7.61
C GLN A 11 0.38 -1.92 -6.91
N PHE A 12 0.26 -1.98 -5.60
CA PHE A 12 -0.26 -0.87 -4.85
C PHE A 12 0.83 0.15 -4.56
N LYS A 13 0.75 1.29 -5.20
CA LYS A 13 1.65 2.38 -4.92
C LYS A 13 1.16 3.15 -3.70
N CYS A 14 2.09 3.68 -2.92
CA CYS A 14 1.76 4.54 -1.79
C CYS A 14 1.08 5.82 -2.28
N ALA A 15 0.36 6.50 -1.39
CA ALA A 15 -0.32 7.75 -1.76
C ALA A 15 0.67 8.84 -2.11
N ASP A 16 1.82 8.80 -1.45
CA ASP A 16 2.92 9.71 -1.75
C ASP A 16 3.60 9.33 -3.06
N GLY A 17 3.55 8.03 -3.37
CA GLY A 17 4.16 7.54 -4.61
C GLY A 17 5.62 7.15 -4.44
N SER A 18 6.08 7.08 -3.20
CA SER A 18 7.47 6.77 -2.91
C SER A 18 7.77 5.28 -3.13
N SER A 19 7.02 4.43 -2.45
CA SER A 19 7.23 2.99 -2.56
C SER A 19 5.94 2.29 -2.98
N CYS A 20 6.06 1.11 -3.57
CA CYS A 20 4.91 0.33 -3.99
C CYS A 20 5.04 -1.11 -3.50
N ILE A 21 3.96 -1.64 -2.96
CA ILE A 21 3.92 -3.01 -2.49
C ILE A 21 3.02 -3.84 -3.39
N ASN A 22 2.84 -5.10 -3.05
CA ASN A 22 1.97 -5.96 -3.85
C ASN A 22 0.51 -5.69 -3.51
N SER A 23 -0.36 -6.02 -4.45
CA SER A 23 -1.80 -5.81 -4.30
C SER A 23 -2.37 -6.73 -3.22
N ARG A 24 -1.64 -7.80 -2.90
CA ARG A 24 -2.09 -8.76 -1.88
C ARG A 24 -1.74 -8.26 -0.47
N TYR A 25 -0.96 -7.20 -0.41
CA TYR A 25 -0.57 -6.63 0.87
C TYR A 25 -1.47 -5.47 1.24
N ARG A 26 -2.38 -5.12 0.36
CA ARG A 26 -3.36 -4.09 0.64
C ARG A 26 -4.42 -4.66 1.58
N CYS A 27 -4.56 -4.05 2.75
CA CYS A 27 -5.46 -4.53 3.81
C CYS A 27 -5.09 -5.95 4.24
N ASP A 28 -4.13 -6.06 5.14
CA ASP A 28 -3.62 -7.36 5.56
C ASP A 28 -3.41 -7.43 7.08
N GLY A 29 -3.23 -6.29 7.72
CA GLY A 29 -2.99 -6.27 9.15
C GLY A 29 -1.78 -5.45 9.52
N VAL A 30 -0.70 -5.61 8.76
CA VAL A 30 0.56 -4.91 9.02
C VAL A 30 0.62 -3.63 8.18
N TYR A 31 1.65 -2.81 8.41
CA TYR A 31 1.87 -1.62 7.62
C TYR A 31 3.15 -1.78 6.80
N ASP A 32 3.07 -1.53 5.50
CA ASP A 32 4.17 -1.81 4.60
C ASP A 32 4.67 -0.55 3.90
N CYS A 33 3.86 0.50 3.90
CA CYS A 33 4.23 1.76 3.26
C CYS A 33 5.12 2.59 4.19
N ARG A 34 5.48 3.79 3.74
CA ARG A 34 6.23 4.74 4.57
C ARG A 34 5.41 5.14 5.80
N ASP A 35 4.11 5.27 5.60
CA ASP A 35 3.19 5.54 6.69
C ASP A 35 2.23 4.37 6.87
N ASN A 36 1.05 4.48 6.28
CA ASN A 36 0.00 3.47 6.43
C ASN A 36 -0.96 3.55 5.25
N SER A 37 -0.45 3.99 4.10
CA SER A 37 -1.25 4.12 2.89
C SER A 37 -1.74 2.76 2.39
N ASP A 38 -0.99 1.72 2.73
CA ASP A 38 -1.34 0.33 2.37
C ASP A 38 -2.63 -0.11 3.04
N GLU A 39 -2.96 0.54 4.16
CA GLU A 39 -4.17 0.22 4.90
C GLU A 39 -5.13 1.40 4.89
N ALA A 40 -4.85 2.38 4.04
CA ALA A 40 -5.69 3.54 3.89
C ALA A 40 -6.85 3.23 2.95
N GLY A 41 -8.07 3.48 3.42
CA GLY A 41 -9.25 3.18 2.63
C GLY A 41 -9.58 1.70 2.66
N CYS A 42 -8.98 1.00 3.61
CA CYS A 42 -9.17 -0.43 3.75
C CYS A 42 -10.35 -0.72 4.68
N PRO A 43 -11.05 -1.85 4.47
CA PRO A 43 -12.16 -2.26 5.32
C PRO A 43 -11.72 -2.52 6.76
N THR A 44 -12.01 -1.55 7.64
CA THR A 44 -11.62 -1.63 9.02
C THR A 44 -12.85 -1.73 9.92
N ARG A 45 -12.84 -2.72 10.79
CA ARG A 45 -13.94 -2.95 11.72
C ARG A 45 -13.47 -2.78 13.15
N PRO A 46 -14.31 -2.19 14.03
CA PRO A 46 -13.97 -2.03 15.44
C PRO A 46 -13.90 -3.37 16.17
N PRO A 47 -12.88 -3.55 17.05
CA PRO A 47 -12.73 -4.75 17.86
C PRO A 47 -13.60 -4.71 19.12
N GLY A 48 -14.89 -4.45 18.92
CA GLY A 48 -15.81 -4.34 20.02
C GLY A 48 -17.13 -4.99 19.71
CA CA B . -0.71 -3.42 4.59
N GLY A 1 18.18 6.07 -5.05
CA GLY A 1 18.75 7.38 -5.24
C GLY A 1 17.72 8.42 -5.64
N ALA A 2 16.58 8.43 -4.93
CA ALA A 2 15.49 9.39 -5.16
C ALA A 2 14.99 9.34 -6.61
N MET A 3 14.79 8.13 -7.12
CA MET A 3 14.31 7.93 -8.48
C MET A 3 12.91 7.31 -8.45
N VAL A 4 12.34 7.11 -9.64
CA VAL A 4 11.05 6.46 -9.76
C VAL A 4 11.22 4.94 -9.69
N LEU A 5 10.16 4.26 -9.28
CA LEU A 5 10.19 2.82 -9.13
C LEU A 5 9.48 2.14 -10.28
N ASN A 6 9.85 0.90 -10.55
CA ASN A 6 9.33 0.15 -11.69
C ASN A 6 8.18 -0.76 -11.28
N CYS A 7 7.36 -0.29 -10.36
CA CYS A 7 6.16 -1.01 -9.95
C CYS A 7 5.16 -1.07 -11.10
N THR A 8 4.42 -2.17 -11.14
CA THR A 8 3.43 -2.36 -12.17
C THR A 8 2.15 -1.60 -11.84
N SER A 9 1.30 -1.42 -12.84
CA SER A 9 0.07 -0.64 -12.70
C SER A 9 -0.95 -1.35 -11.79
N ALA A 10 -0.81 -2.67 -11.66
CA ALA A 10 -1.69 -3.45 -10.80
C ALA A 10 -1.18 -3.48 -9.36
N GLN A 11 0.05 -3.02 -9.14
CA GLN A 11 0.62 -2.95 -7.80
C GLN A 11 0.13 -1.70 -7.07
N PHE A 12 0.20 -1.73 -5.75
CA PHE A 12 -0.25 -0.60 -4.95
C PHE A 12 0.92 0.30 -4.59
N LYS A 13 1.00 1.42 -5.29
CA LYS A 13 1.99 2.45 -5.00
C LYS A 13 1.41 3.40 -3.95
N CYS A 14 2.18 3.62 -2.88
CA CYS A 14 1.81 4.47 -1.78
C CYS A 14 1.51 5.90 -2.23
N ALA A 15 0.58 6.56 -1.54
CA ALA A 15 0.16 7.92 -1.92
C ALA A 15 1.31 8.91 -1.85
N ASP A 16 2.15 8.78 -0.82
CA ASP A 16 3.35 9.60 -0.68
C ASP A 16 4.43 9.16 -1.68
N GLY A 17 4.34 7.91 -2.12
CA GLY A 17 5.31 7.37 -3.05
C GLY A 17 6.46 6.68 -2.36
N SER A 18 6.17 6.17 -1.16
CA SER A 18 7.16 5.47 -0.37
C SER A 18 7.58 4.17 -1.03
N SER A 19 6.62 3.30 -1.30
CA SER A 19 6.91 2.01 -1.92
C SER A 19 5.79 1.58 -2.85
N CYS A 20 5.95 0.41 -3.45
CA CYS A 20 4.89 -0.22 -4.20
C CYS A 20 4.83 -1.69 -3.82
N ILE A 21 3.76 -2.07 -3.15
CA ILE A 21 3.57 -3.43 -2.72
C ILE A 21 2.54 -4.12 -3.59
N ASN A 22 2.45 -5.44 -3.47
CA ASN A 22 1.46 -6.19 -4.22
C ASN A 22 0.06 -5.88 -3.71
N SER A 23 -0.91 -5.94 -4.60
CA SER A 23 -2.31 -5.63 -4.25
C SER A 23 -2.87 -6.65 -3.27
N ARG A 24 -2.26 -7.84 -3.24
CA ARG A 24 -2.67 -8.90 -2.33
C ARG A 24 -2.24 -8.61 -0.89
N TYR A 25 -1.38 -7.61 -0.72
CA TYR A 25 -0.90 -7.22 0.60
C TYR A 25 -1.63 -5.99 1.12
N ARG A 26 -2.63 -5.53 0.37
CA ARG A 26 -3.44 -4.40 0.82
C ARG A 26 -4.36 -4.86 1.95
N CYS A 27 -4.21 -4.21 3.11
CA CYS A 27 -4.94 -4.57 4.33
C CYS A 27 -4.55 -5.98 4.80
N ASP A 28 -3.26 -6.18 5.05
CA ASP A 28 -2.78 -7.49 5.50
C ASP A 28 -2.47 -7.48 6.99
N GLY A 29 -2.06 -6.33 7.51
CA GLY A 29 -1.76 -6.21 8.91
C GLY A 29 -0.52 -5.38 9.17
N VAL A 30 0.47 -5.52 8.30
CA VAL A 30 1.73 -4.77 8.45
C VAL A 30 1.74 -3.56 7.54
N TYR A 31 1.87 -2.38 8.12
CA TYR A 31 1.90 -1.14 7.35
C TYR A 31 3.17 -1.06 6.52
N ASP A 32 3.01 -1.00 5.21
CA ASP A 32 4.13 -1.01 4.28
C ASP A 32 4.47 0.39 3.83
N CYS A 33 3.44 1.19 3.58
CA CYS A 33 3.61 2.55 3.18
C CYS A 33 3.89 3.43 4.38
N ARG A 34 4.84 4.37 4.24
CA ARG A 34 5.20 5.26 5.34
C ARG A 34 4.12 6.31 5.56
N ASP A 35 3.27 6.51 4.55
CA ASP A 35 2.13 7.40 4.66
C ASP A 35 0.87 6.61 5.01
N ASN A 36 1.06 5.29 5.17
CA ASN A 36 0.06 4.37 5.74
C ASN A 36 -1.14 4.14 4.81
N SER A 37 -0.99 4.44 3.52
CA SER A 37 -2.09 4.36 2.57
C SER A 37 -2.54 2.91 2.32
N ASP A 38 -1.60 1.97 2.43
CA ASP A 38 -1.86 0.57 2.12
C ASP A 38 -2.84 -0.08 3.10
N GLU A 39 -2.80 0.36 4.35
CA GLU A 39 -3.65 -0.22 5.37
C GLU A 39 -4.58 0.81 5.99
N ALA A 40 -4.74 1.94 5.31
CA ALA A 40 -5.73 2.93 5.71
C ALA A 40 -6.83 3.01 4.65
N GLY A 41 -6.46 2.78 3.40
CA GLY A 41 -7.42 2.79 2.31
C GLY A 41 -7.99 1.41 2.04
N CYS A 42 -8.65 0.85 3.05
CA CYS A 42 -9.29 -0.45 2.91
C CYS A 42 -10.60 -0.32 2.15
N PRO A 43 -10.79 -1.14 1.08
CA PRO A 43 -12.00 -1.09 0.24
C PRO A 43 -13.28 -1.35 1.03
N THR A 44 -14.15 -0.35 1.05
CA THR A 44 -15.42 -0.45 1.75
C THR A 44 -16.41 -1.30 0.94
N ARG A 45 -16.86 -2.38 1.54
CA ARG A 45 -17.81 -3.28 0.89
C ARG A 45 -19.16 -3.26 1.61
N PRO A 46 -20.26 -3.36 0.85
CA PRO A 46 -21.62 -3.41 1.41
C PRO A 46 -21.82 -4.60 2.36
N PRO A 47 -22.16 -4.32 3.63
CA PRO A 47 -22.31 -5.33 4.66
C PRO A 47 -23.66 -6.06 4.56
N GLY A 48 -23.76 -6.99 3.63
CA GLY A 48 -25.00 -7.69 3.40
C GLY A 48 -25.94 -6.89 2.52
CA CA B . 0.37 -3.81 3.78
N GLY A 1 7.17 12.32 -4.23
CA GLY A 1 7.10 11.38 -5.33
C GLY A 1 7.25 12.07 -6.67
N ALA A 2 8.48 12.08 -7.18
CA ALA A 2 8.78 12.73 -8.45
C ALA A 2 9.38 11.73 -9.43
N MET A 3 9.29 10.46 -9.09
CA MET A 3 9.83 9.40 -9.92
C MET A 3 9.06 8.11 -9.70
N VAL A 4 8.67 7.45 -10.78
CA VAL A 4 7.99 6.17 -10.70
C VAL A 4 9.00 5.04 -10.67
N LEU A 5 8.79 4.09 -9.77
CA LEU A 5 9.70 2.96 -9.63
C LEU A 5 9.29 1.84 -10.59
N ASN A 6 9.77 0.63 -10.33
CA ASN A 6 9.48 -0.52 -11.19
C ASN A 6 8.18 -1.22 -10.77
N CYS A 7 7.29 -0.47 -10.12
CA CYS A 7 6.01 -1.01 -9.73
C CYS A 7 5.02 -0.92 -10.89
N THR A 8 4.19 -1.95 -11.00
CA THR A 8 3.22 -2.01 -12.08
C THR A 8 1.98 -1.20 -11.71
N SER A 9 1.01 -1.15 -12.62
CA SER A 9 -0.24 -0.48 -12.37
C SER A 9 -1.18 -1.38 -11.55
N ALA A 10 -0.78 -2.64 -11.40
CA ALA A 10 -1.55 -3.59 -10.61
C ALA A 10 -1.08 -3.60 -9.16
N GLN A 11 0.12 -3.08 -8.92
CA GLN A 11 0.64 -2.97 -7.57
C GLN A 11 0.07 -1.74 -6.87
N PHE A 12 0.17 -1.73 -5.55
CA PHE A 12 -0.34 -0.63 -4.77
C PHE A 12 0.78 0.35 -4.46
N LYS A 13 0.59 1.61 -4.86
CA LYS A 13 1.56 2.64 -4.58
C LYS A 13 1.16 3.41 -3.32
N CYS A 14 2.16 3.89 -2.59
CA CYS A 14 1.94 4.68 -1.38
C CYS A 14 1.41 6.07 -1.72
N ALA A 15 1.05 6.84 -0.69
CA ALA A 15 0.48 8.17 -0.88
C ALA A 15 1.47 9.13 -1.53
N ASP A 16 2.70 9.17 -1.03
CA ASP A 16 3.76 9.97 -1.64
C ASP A 16 4.18 9.38 -2.99
N GLY A 17 3.95 8.08 -3.15
CA GLY A 17 4.28 7.41 -4.40
C GLY A 17 5.75 7.06 -4.53
N SER A 18 6.49 7.17 -3.44
CA SER A 18 7.91 6.86 -3.44
C SER A 18 8.16 5.40 -3.05
N SER A 19 7.07 4.70 -2.74
CA SER A 19 7.14 3.30 -2.37
C SER A 19 5.98 2.53 -2.99
N CYS A 20 6.25 1.31 -3.43
CA CYS A 20 5.22 0.45 -3.98
C CYS A 20 5.28 -0.93 -3.35
N ILE A 21 4.13 -1.44 -2.94
CA ILE A 21 4.01 -2.79 -2.42
C ILE A 21 3.05 -3.57 -3.30
N ASN A 22 3.01 -4.89 -3.14
CA ASN A 22 2.14 -5.72 -3.96
C ASN A 22 0.70 -5.62 -3.49
N SER A 23 -0.21 -6.00 -4.38
CA SER A 23 -1.65 -5.94 -4.09
C SER A 23 -2.04 -6.99 -3.03
N ARG A 24 -1.21 -8.01 -2.87
CA ARG A 24 -1.40 -9.03 -1.85
C ARG A 24 -1.08 -8.47 -0.45
N TYR A 25 -0.45 -7.31 -0.43
CA TYR A 25 -0.11 -6.64 0.81
C TYR A 25 -1.05 -5.49 1.09
N ARG A 26 -2.09 -5.36 0.27
CA ARG A 26 -3.12 -4.36 0.51
C ARG A 26 -4.22 -5.00 1.34
N CYS A 27 -4.41 -4.45 2.55
CA CYS A 27 -5.38 -4.97 3.53
C CYS A 27 -4.98 -6.37 4.00
N ASP A 28 -3.99 -6.42 4.90
CA ASP A 28 -3.50 -7.71 5.39
C ASP A 28 -3.44 -7.72 6.92
N GLY A 29 -3.29 -6.55 7.54
CA GLY A 29 -3.27 -6.46 8.98
C GLY A 29 -2.30 -5.42 9.50
N VAL A 30 -1.09 -5.40 8.96
CA VAL A 30 -0.03 -4.53 9.46
C VAL A 30 0.41 -3.53 8.39
N TYR A 31 0.69 -2.29 8.80
CA TYR A 31 1.08 -1.24 7.87
C TYR A 31 2.50 -1.49 7.33
N ASP A 32 2.61 -1.77 6.04
CA ASP A 32 3.91 -2.04 5.42
C ASP A 32 4.34 -0.92 4.48
N CYS A 33 3.44 0.01 4.22
CA CYS A 33 3.77 1.16 3.37
C CYS A 33 4.52 2.20 4.19
N ARG A 34 5.36 2.96 3.52
CA ARG A 34 6.19 3.97 4.17
C ARG A 34 5.38 5.23 4.49
N ASP A 35 4.11 5.23 4.10
CA ASP A 35 3.23 6.35 4.36
C ASP A 35 1.90 5.86 4.96
N ASN A 36 1.88 4.57 5.36
CA ASN A 36 0.72 3.93 6.00
C ASN A 36 -0.54 4.00 5.13
N SER A 37 -0.36 4.09 3.83
CA SER A 37 -1.48 4.21 2.91
C SER A 37 -2.00 2.85 2.51
N ASP A 38 -1.26 1.81 2.88
CA ASP A 38 -1.57 0.44 2.48
C ASP A 38 -2.89 -0.04 3.05
N GLU A 39 -3.15 0.30 4.31
CA GLU A 39 -4.40 -0.09 4.94
C GLU A 39 -5.35 1.09 5.05
N ALA A 40 -4.90 2.25 4.59
CA ALA A 40 -5.76 3.42 4.52
C ALA A 40 -6.70 3.28 3.33
N GLY A 41 -7.97 3.02 3.62
CA GLY A 41 -8.93 2.75 2.58
C GLY A 41 -9.39 1.31 2.59
N CYS A 42 -9.09 0.62 3.68
CA CYS A 42 -9.54 -0.75 3.88
C CYS A 42 -11.03 -0.76 4.20
N PRO A 43 -11.82 -1.59 3.49
CA PRO A 43 -13.29 -1.66 3.65
C PRO A 43 -13.73 -1.89 5.09
N THR A 44 -14.39 -0.89 5.65
CA THR A 44 -14.89 -0.96 7.01
C THR A 44 -16.13 -1.85 7.07
N ARG A 45 -16.31 -2.54 8.20
CA ARG A 45 -17.45 -3.43 8.39
C ARG A 45 -18.74 -2.64 8.53
N PRO A 46 -19.76 -2.99 7.75
CA PRO A 46 -21.10 -2.37 7.83
C PRO A 46 -21.79 -2.71 9.15
N PRO A 47 -22.26 -1.67 9.87
CA PRO A 47 -22.90 -1.85 11.18
C PRO A 47 -24.18 -2.67 11.12
N GLY A 48 -24.18 -3.79 11.84
CA GLY A 48 -25.35 -4.62 11.92
C GLY A 48 -26.00 -4.50 13.28
CA CA B . -0.62 -3.74 4.61
N GLY A 1 24.06 6.32 -3.17
CA GLY A 1 22.69 6.74 -2.97
C GLY A 1 21.75 5.56 -2.93
N ALA A 2 20.47 5.82 -2.64
CA ALA A 2 19.48 4.76 -2.58
C ALA A 2 18.92 4.45 -3.96
N MET A 3 18.53 3.20 -4.15
CA MET A 3 17.96 2.76 -5.41
C MET A 3 16.47 3.05 -5.43
N VAL A 4 15.95 3.41 -6.60
CA VAL A 4 14.53 3.73 -6.74
C VAL A 4 13.72 2.45 -6.92
N LEU A 5 12.61 2.37 -6.18
CA LEU A 5 11.75 1.20 -6.18
C LEU A 5 11.21 0.88 -7.58
N ASN A 6 11.42 -0.35 -8.02
CA ASN A 6 10.91 -0.80 -9.30
C ASN A 6 9.62 -1.59 -9.07
N CYS A 7 8.53 -1.12 -9.68
CA CYS A 7 7.23 -1.74 -9.51
C CYS A 7 6.41 -1.57 -10.78
N THR A 8 5.37 -2.37 -10.91
CA THR A 8 4.47 -2.29 -12.05
C THR A 8 3.22 -1.50 -11.67
N SER A 9 2.44 -1.08 -12.67
CA SER A 9 1.21 -0.33 -12.43
C SER A 9 0.10 -1.23 -11.87
N ALA A 10 0.33 -2.54 -11.95
CA ALA A 10 -0.59 -3.51 -11.37
C ALA A 10 -0.44 -3.58 -9.85
N GLN A 11 0.70 -3.11 -9.36
CA GLN A 11 0.96 -3.05 -7.93
C GLN A 11 0.29 -1.83 -7.32
N PHE A 12 0.03 -1.86 -6.02
CA PHE A 12 -0.58 -0.75 -5.33
C PHE A 12 0.49 0.24 -4.89
N LYS A 13 0.41 1.46 -5.42
CA LYS A 13 1.32 2.51 -5.01
C LYS A 13 0.76 3.26 -3.81
N CYS A 14 1.64 3.60 -2.87
CA CYS A 14 1.28 4.38 -1.72
C CYS A 14 0.73 5.75 -2.15
N ALA A 15 -0.06 6.37 -1.28
CA ALA A 15 -0.68 7.66 -1.57
C ALA A 15 0.39 8.74 -1.79
N ASP A 16 1.36 8.79 -0.88
CA ASP A 16 2.51 9.68 -1.02
C ASP A 16 3.41 9.21 -2.16
N GLY A 17 3.37 7.90 -2.42
CA GLY A 17 4.21 7.30 -3.44
C GLY A 17 5.54 6.87 -2.88
N SER A 18 5.57 6.59 -1.58
CA SER A 18 6.78 6.17 -0.89
C SER A 18 7.26 4.80 -1.39
N SER A 19 6.31 3.91 -1.65
CA SER A 19 6.62 2.58 -2.16
C SER A 19 5.48 2.07 -3.05
N CYS A 20 5.69 0.90 -3.64
CA CYS A 20 4.64 0.22 -4.37
C CYS A 20 4.61 -1.25 -3.97
N ILE A 21 3.55 -1.63 -3.30
CA ILE A 21 3.42 -2.98 -2.75
C ILE A 21 2.48 -3.81 -3.60
N ASN A 22 2.54 -5.12 -3.44
CA ASN A 22 1.66 -6.02 -4.18
C ASN A 22 0.22 -5.81 -3.74
N SER A 23 -0.70 -5.98 -4.69
CA SER A 23 -2.11 -5.80 -4.45
C SER A 23 -2.68 -6.87 -3.49
N ARG A 24 -1.90 -7.92 -3.27
CA ARG A 24 -2.30 -8.99 -2.36
C ARG A 24 -1.99 -8.62 -0.91
N TYR A 25 -1.14 -7.61 -0.72
CA TYR A 25 -0.73 -7.20 0.61
C TYR A 25 -1.49 -5.96 1.07
N ARG A 26 -2.50 -5.59 0.28
CA ARG A 26 -3.34 -4.46 0.61
C ARG A 26 -4.32 -4.83 1.73
N CYS A 27 -4.25 -4.07 2.84
CA CYS A 27 -5.08 -4.30 4.02
C CYS A 27 -4.83 -5.69 4.63
N ASP A 28 -3.78 -5.76 5.43
CA ASP A 28 -3.39 -7.03 6.06
C ASP A 28 -3.01 -6.82 7.53
N GLY A 29 -2.51 -5.62 7.85
CA GLY A 29 -2.11 -5.34 9.22
C GLY A 29 -0.66 -4.90 9.31
N VAL A 30 0.20 -5.47 8.47
CA VAL A 30 1.61 -5.11 8.44
C VAL A 30 1.83 -3.92 7.53
N TYR A 31 2.33 -2.83 8.08
CA TYR A 31 2.48 -1.59 7.34
C TYR A 31 3.67 -1.67 6.39
N ASP A 32 3.38 -1.82 5.11
CA ASP A 32 4.41 -1.92 4.08
C ASP A 32 4.58 -0.58 3.39
N CYS A 33 3.47 0.12 3.16
CA CYS A 33 3.51 1.48 2.68
C CYS A 33 4.06 2.38 3.78
N ARG A 34 4.99 3.27 3.41
CA ARG A 34 5.68 4.12 4.39
C ARG A 34 4.79 5.29 4.82
N ASP A 35 3.63 5.41 4.19
CA ASP A 35 2.67 6.46 4.53
C ASP A 35 1.40 5.84 5.13
N ASN A 36 1.36 4.50 5.09
CA ASN A 36 0.29 3.69 5.69
C ASN A 36 -1.04 3.84 4.95
N SER A 37 -0.97 4.17 3.66
CA SER A 37 -2.17 4.38 2.86
C SER A 37 -2.87 3.07 2.53
N ASP A 38 -2.09 2.00 2.41
CA ASP A 38 -2.63 0.68 2.09
C ASP A 38 -3.49 0.15 3.25
N GLU A 39 -3.18 0.59 4.47
CA GLU A 39 -3.89 0.13 5.65
C GLU A 39 -5.02 1.10 6.02
N ALA A 40 -4.69 2.39 6.02
CA ALA A 40 -5.64 3.41 6.46
C ALA A 40 -6.70 3.71 5.40
N GLY A 41 -6.38 3.44 4.14
CA GLY A 41 -7.32 3.68 3.07
C GLY A 41 -8.17 2.46 2.77
N CYS A 42 -8.57 1.76 3.82
CA CYS A 42 -9.38 0.56 3.69
C CYS A 42 -10.70 0.76 4.42
N PRO A 43 -11.83 0.27 3.86
CA PRO A 43 -13.16 0.37 4.47
C PRO A 43 -13.20 -0.21 5.88
N THR A 44 -13.47 0.66 6.85
CA THR A 44 -13.52 0.26 8.25
C THR A 44 -14.79 -0.50 8.57
N ARG A 45 -14.64 -1.66 9.20
CA ARG A 45 -15.77 -2.51 9.55
C ARG A 45 -16.53 -1.94 10.75
N PRO A 46 -17.86 -1.85 10.65
CA PRO A 46 -18.73 -1.47 11.76
C PRO A 46 -19.16 -2.70 12.57
N PRO A 47 -18.54 -2.91 13.75
CA PRO A 47 -18.77 -4.10 14.55
C PRO A 47 -19.96 -3.95 15.50
N GLY A 48 -20.26 -5.02 16.21
CA GLY A 48 -21.35 -5.00 17.17
C GLY A 48 -20.99 -5.81 18.40
CA CA B . -0.28 -3.55 4.19
N GLY A 1 14.32 -0.43 3.08
CA GLY A 1 13.29 -0.86 2.19
C GLY A 1 13.63 -2.18 1.52
N ALA A 2 12.92 -3.23 1.89
CA ALA A 2 13.17 -4.56 1.34
C ALA A 2 12.31 -4.80 0.10
N MET A 3 12.50 -3.93 -0.90
CA MET A 3 11.71 -3.98 -2.13
C MET A 3 12.44 -3.23 -3.24
N VAL A 4 12.39 -3.77 -4.45
CA VAL A 4 12.93 -3.07 -5.60
C VAL A 4 11.87 -2.10 -6.12
N LEU A 5 12.28 -0.88 -6.40
CA LEU A 5 11.32 0.17 -6.73
C LEU A 5 11.07 0.29 -8.22
N ASN A 6 9.92 -0.23 -8.63
CA ASN A 6 9.42 -0.14 -9.99
C ASN A 6 8.05 -0.80 -10.02
N CYS A 7 7.02 -0.01 -10.15
CA CYS A 7 5.66 -0.50 -9.98
C CYS A 7 4.89 -0.51 -11.27
N THR A 8 3.88 -1.36 -11.32
CA THR A 8 2.98 -1.45 -12.45
C THR A 8 1.63 -0.82 -12.11
N SER A 9 0.62 -1.13 -12.90
CA SER A 9 -0.74 -0.68 -12.63
C SER A 9 -1.46 -1.69 -11.71
N ALA A 10 -0.85 -2.87 -11.57
CA ALA A 10 -1.41 -3.91 -10.72
C ALA A 10 -0.93 -3.76 -9.28
N GLN A 11 0.29 -3.25 -9.12
CA GLN A 11 0.86 -3.04 -7.79
C GLN A 11 0.23 -1.83 -7.11
N PHE A 12 0.39 -1.74 -5.80
CA PHE A 12 -0.11 -0.60 -5.05
C PHE A 12 1.03 0.34 -4.69
N LYS A 13 1.03 1.51 -5.29
CA LYS A 13 2.03 2.53 -4.96
C LYS A 13 1.55 3.32 -3.74
N CYS A 14 2.50 3.70 -2.90
CA CYS A 14 2.24 4.53 -1.75
C CYS A 14 1.74 5.90 -2.18
N ALA A 15 1.04 6.60 -1.29
CA ALA A 15 0.46 7.91 -1.61
C ALA A 15 1.54 8.96 -1.87
N ASP A 16 2.65 8.86 -1.15
CA ASP A 16 3.78 9.76 -1.37
C ASP A 16 4.71 9.19 -2.44
N GLY A 17 4.53 7.91 -2.74
CA GLY A 17 5.37 7.24 -3.71
C GLY A 17 6.67 6.76 -3.11
N SER A 18 6.62 6.44 -1.82
CA SER A 18 7.80 5.95 -1.10
C SER A 18 8.21 4.57 -1.60
N SER A 19 7.23 3.73 -1.87
CA SER A 19 7.49 2.39 -2.37
C SER A 19 6.28 1.86 -3.13
N CYS A 20 6.43 0.70 -3.76
CA CYS A 20 5.31 0.02 -4.39
C CYS A 20 5.17 -1.36 -3.78
N ILE A 21 4.09 -1.58 -3.05
CA ILE A 21 3.85 -2.85 -2.42
C ILE A 21 2.99 -3.72 -3.33
N ASN A 22 3.05 -5.02 -3.10
CA ASN A 22 2.26 -5.95 -3.90
C ASN A 22 0.79 -5.84 -3.50
N SER A 23 -0.10 -6.08 -4.45
CA SER A 23 -1.54 -5.99 -4.23
C SER A 23 -2.03 -6.98 -3.16
N ARG A 24 -1.26 -8.04 -2.93
CA ARG A 24 -1.61 -9.04 -1.92
C ARG A 24 -1.37 -8.47 -0.50
N TYR A 25 -0.58 -7.41 -0.41
CA TYR A 25 -0.27 -6.78 0.86
C TYR A 25 -1.40 -5.83 1.27
N ARG A 26 -2.25 -5.47 0.30
CA ARG A 26 -3.35 -4.56 0.53
C ARG A 26 -4.37 -5.20 1.47
N CYS A 27 -4.58 -4.57 2.62
CA CYS A 27 -5.47 -5.07 3.66
C CYS A 27 -4.98 -6.42 4.19
N ASP A 28 -3.90 -6.38 4.97
CA ASP A 28 -3.29 -7.59 5.51
C ASP A 28 -3.03 -7.47 7.01
N GLY A 29 -3.25 -6.28 7.55
CA GLY A 29 -3.08 -6.06 8.99
C GLY A 29 -1.89 -5.18 9.32
N VAL A 30 -0.87 -5.21 8.46
CA VAL A 30 0.38 -4.50 8.73
C VAL A 30 0.43 -3.19 7.95
N TYR A 31 1.40 -2.34 8.26
CA TYR A 31 1.60 -1.08 7.54
C TYR A 31 2.86 -1.17 6.70
N ASP A 32 2.71 -1.33 5.39
CA ASP A 32 3.85 -1.52 4.51
C ASP A 32 4.26 -0.21 3.84
N CYS A 33 3.29 0.64 3.54
CA CYS A 33 3.57 1.93 2.94
C CYS A 33 3.97 2.91 4.03
N ARG A 34 4.89 3.82 3.69
CA ARG A 34 5.41 4.80 4.65
C ARG A 34 4.35 5.83 5.01
N ASP A 35 3.34 5.96 4.16
CA ASP A 35 2.26 6.90 4.36
C ASP A 35 0.99 6.20 4.86
N ASN A 36 1.13 4.90 5.21
CA ASN A 36 0.05 4.11 5.85
C ASN A 36 -1.14 3.81 4.92
N SER A 37 -1.08 4.28 3.68
CA SER A 37 -2.20 4.24 2.74
C SER A 37 -2.65 2.81 2.40
N ASP A 38 -1.74 1.85 2.55
CA ASP A 38 -2.03 0.45 2.25
C ASP A 38 -3.14 -0.10 3.15
N GLU A 39 -3.19 0.39 4.37
CA GLU A 39 -4.18 -0.06 5.33
C GLU A 39 -5.13 1.08 5.72
N ALA A 40 -4.85 2.28 5.20
CA ALA A 40 -5.70 3.44 5.45
C ALA A 40 -7.04 3.31 4.72
N GLY A 41 -6.98 2.76 3.51
CA GLY A 41 -8.17 2.55 2.73
C GLY A 41 -8.80 1.19 2.96
N CYS A 42 -8.50 0.60 4.13
CA CYS A 42 -9.05 -0.69 4.49
C CYS A 42 -10.33 -0.51 5.28
N PRO A 43 -11.37 -1.30 4.95
CA PRO A 43 -12.65 -1.26 5.64
C PRO A 43 -12.63 -1.99 6.98
N THR A 44 -13.79 -2.05 7.62
CA THR A 44 -13.95 -2.80 8.86
C THR A 44 -13.79 -4.29 8.61
N ARG A 45 -12.92 -4.92 9.37
CA ARG A 45 -12.59 -6.33 9.20
C ARG A 45 -13.41 -7.20 10.15
N PRO A 46 -13.68 -8.47 9.77
CA PRO A 46 -14.49 -9.39 10.58
C PRO A 46 -13.95 -9.55 12.00
N PRO A 47 -14.78 -9.20 13.01
CA PRO A 47 -14.39 -9.26 14.41
C PRO A 47 -14.01 -10.67 14.86
N GLY A 48 -12.87 -10.79 15.51
CA GLY A 48 -12.38 -12.08 15.93
C GLY A 48 -10.86 -12.10 15.98
CA CA B . -0.75 -3.56 4.37
N GLY A 1 23.16 7.79 -9.46
CA GLY A 1 22.09 8.75 -9.39
C GLY A 1 20.78 8.19 -9.87
N ALA A 2 19.70 8.93 -9.60
CA ALA A 2 18.33 8.55 -10.01
C ALA A 2 17.93 7.18 -9.47
N MET A 3 17.68 7.11 -8.16
CA MET A 3 17.21 5.88 -7.54
C MET A 3 15.81 5.54 -8.02
N VAL A 4 15.72 4.57 -8.91
CA VAL A 4 14.45 4.19 -9.52
C VAL A 4 13.75 3.11 -8.71
N LEU A 5 12.49 3.34 -8.43
CA LEU A 5 11.66 2.38 -7.74
C LEU A 5 10.73 1.73 -8.74
N ASN A 6 10.88 0.42 -8.92
CA ASN A 6 10.14 -0.30 -9.95
C ASN A 6 8.78 -0.77 -9.42
N CYS A 7 7.74 -0.48 -10.19
CA CYS A 7 6.40 -0.95 -9.89
C CYS A 7 5.63 -1.20 -11.18
N THR A 8 4.70 -2.12 -11.11
CA THR A 8 3.80 -2.38 -12.22
C THR A 8 2.45 -1.71 -11.95
N SER A 9 1.60 -1.65 -12.97
CA SER A 9 0.30 -1.01 -12.86
C SER A 9 -0.63 -1.77 -11.91
N ALA A 10 -0.38 -3.07 -11.76
CA ALA A 10 -1.18 -3.91 -10.89
C ALA A 10 -0.73 -3.83 -9.43
N GLN A 11 0.34 -3.09 -9.18
CA GLN A 11 0.85 -2.92 -7.82
C GLN A 11 0.23 -1.71 -7.17
N PHE A 12 0.24 -1.70 -5.84
CA PHE A 12 -0.27 -0.58 -5.08
C PHE A 12 0.85 0.39 -4.76
N LYS A 13 0.67 1.64 -5.12
CA LYS A 13 1.65 2.67 -4.82
C LYS A 13 1.27 3.36 -3.52
N CYS A 14 2.27 3.79 -2.78
CA CYS A 14 2.07 4.56 -1.57
C CYS A 14 1.41 5.90 -1.93
N ALA A 15 0.88 6.60 -0.93
CA ALA A 15 0.18 7.87 -1.18
C ALA A 15 1.12 8.92 -1.76
N ASP A 16 2.34 8.97 -1.23
CA ASP A 16 3.37 9.89 -1.75
C ASP A 16 4.07 9.28 -2.96
N GLY A 17 3.85 7.99 -3.18
CA GLY A 17 4.53 7.28 -4.25
C GLY A 17 5.91 6.86 -3.82
N SER A 18 6.11 6.76 -2.51
CA SER A 18 7.40 6.44 -1.93
C SER A 18 7.82 5.00 -2.26
N SER A 19 6.92 4.06 -2.02
CA SER A 19 7.18 2.68 -2.29
C SER A 19 6.04 2.05 -3.08
N CYS A 20 6.31 0.95 -3.75
CA CYS A 20 5.28 0.19 -4.43
C CYS A 20 5.23 -1.23 -3.91
N ILE A 21 4.12 -1.58 -3.29
CA ILE A 21 3.93 -2.91 -2.75
C ILE A 21 2.96 -3.69 -3.62
N ASN A 22 2.98 -5.00 -3.53
CA ASN A 22 2.09 -5.83 -4.32
C ASN A 22 0.65 -5.66 -3.86
N SER A 23 -0.29 -5.99 -4.74
CA SER A 23 -1.72 -5.86 -4.45
C SER A 23 -2.15 -6.80 -3.33
N ARG A 24 -1.37 -7.85 -3.10
CA ARG A 24 -1.62 -8.81 -2.02
C ARG A 24 -1.19 -8.22 -0.66
N TYR A 25 -0.68 -6.99 -0.69
CA TYR A 25 -0.31 -6.28 0.52
C TYR A 25 -1.24 -5.09 0.75
N ARG A 26 -2.39 -5.13 0.10
CA ARG A 26 -3.43 -4.15 0.36
C ARG A 26 -4.47 -4.76 1.31
N CYS A 27 -4.55 -4.20 2.53
CA CYS A 27 -5.49 -4.66 3.57
C CYS A 27 -5.14 -6.07 4.06
N ASP A 28 -4.29 -6.13 5.08
CA ASP A 28 -3.86 -7.42 5.66
C ASP A 28 -3.51 -7.29 7.13
N GLY A 29 -3.47 -6.06 7.64
CA GLY A 29 -3.18 -5.84 9.05
C GLY A 29 -1.84 -5.18 9.29
N VAL A 30 -0.85 -5.51 8.47
CA VAL A 30 0.50 -4.98 8.62
C VAL A 30 0.64 -3.64 7.91
N TYR A 31 1.40 -2.72 8.48
CA TYR A 31 1.66 -1.44 7.83
C TYR A 31 2.91 -1.55 6.94
N ASP A 32 2.70 -1.49 5.63
CA ASP A 32 3.77 -1.70 4.66
C ASP A 32 4.23 -0.37 4.06
N CYS A 33 3.29 0.51 3.74
CA CYS A 33 3.60 1.77 3.10
C CYS A 33 4.18 2.76 4.11
N ARG A 34 5.00 3.68 3.62
CA ARG A 34 5.63 4.69 4.48
C ARG A 34 4.60 5.71 4.97
N ASP A 35 3.50 5.83 4.23
CA ASP A 35 2.43 6.74 4.60
C ASP A 35 1.25 5.96 5.16
N ASN A 36 1.45 4.64 5.32
CA ASN A 36 0.48 3.72 5.94
C ASN A 36 -0.82 3.63 5.15
N SER A 37 -0.78 3.99 3.86
CA SER A 37 -2.00 4.05 3.04
C SER A 37 -2.37 2.68 2.48
N ASP A 38 -1.57 1.68 2.78
CA ASP A 38 -1.86 0.30 2.36
C ASP A 38 -2.90 -0.31 3.28
N GLU A 39 -2.89 0.12 4.52
CA GLU A 39 -3.83 -0.36 5.53
C GLU A 39 -4.94 0.66 5.74
N ALA A 40 -4.56 1.92 5.87
CA ALA A 40 -5.52 3.00 6.04
C ALA A 40 -6.27 3.26 4.75
N GLY A 41 -7.59 3.11 4.82
CA GLY A 41 -8.41 3.19 3.63
C GLY A 41 -9.32 1.98 3.53
N CYS A 42 -8.95 0.94 4.26
CA CYS A 42 -9.76 -0.27 4.35
C CYS A 42 -10.59 -0.23 5.62
N PRO A 43 -11.82 -0.76 5.59
CA PRO A 43 -12.73 -0.73 6.75
C PRO A 43 -12.23 -1.55 7.93
N THR A 44 -11.65 -0.88 8.90
CA THR A 44 -11.23 -1.50 10.15
C THR A 44 -12.45 -1.90 10.96
N ARG A 45 -12.55 -3.18 11.29
CA ARG A 45 -13.71 -3.71 11.98
C ARG A 45 -13.51 -3.70 13.48
N PRO A 46 -14.38 -2.98 14.22
CA PRO A 46 -14.35 -2.95 15.68
C PRO A 46 -14.72 -4.30 16.29
N PRO A 47 -13.92 -4.77 17.27
CA PRO A 47 -14.15 -6.06 17.94
C PRO A 47 -15.41 -6.03 18.81
N GLY A 48 -16.41 -6.81 18.42
CA GLY A 48 -17.65 -6.87 19.16
C GLY A 48 -18.53 -7.99 18.64
CA CA B . -0.30 -4.09 4.18
N GLY A 1 15.82 9.73 -2.21
CA GLY A 1 16.93 9.90 -3.12
C GLY A 1 16.48 9.98 -4.55
N ALA A 2 17.42 9.96 -5.49
CA ALA A 2 17.11 10.03 -6.91
C ALA A 2 16.90 8.63 -7.49
N MET A 3 15.96 7.90 -6.89
CA MET A 3 15.69 6.52 -7.26
C MET A 3 14.24 6.19 -6.95
N VAL A 4 13.53 5.73 -7.97
CA VAL A 4 12.14 5.31 -7.81
C VAL A 4 12.07 3.80 -7.60
N LEU A 5 10.95 3.37 -7.05
CA LEU A 5 10.71 1.95 -6.79
C LEU A 5 10.30 1.22 -8.07
N ASN A 6 10.33 -0.10 -8.03
CA ASN A 6 9.97 -0.90 -9.19
C ASN A 6 8.58 -1.48 -9.02
N CYS A 7 7.62 -0.84 -9.65
CA CYS A 7 6.24 -1.27 -9.58
C CYS A 7 5.52 -0.97 -10.88
N THR A 8 4.19 -1.06 -10.83
CA THR A 8 3.34 -0.78 -11.97
C THR A 8 1.95 -0.40 -11.47
N SER A 9 1.02 -0.17 -12.39
CA SER A 9 -0.35 0.24 -12.03
C SER A 9 -1.12 -0.90 -11.38
N ALA A 10 -0.67 -2.13 -11.61
CA ALA A 10 -1.29 -3.32 -11.04
C ALA A 10 -0.85 -3.53 -9.59
N GLN A 11 0.29 -2.94 -9.22
CA GLN A 11 0.77 -3.03 -7.85
C GLN A 11 0.29 -1.82 -7.06
N PHE A 12 0.34 -1.91 -5.75
CA PHE A 12 -0.10 -0.83 -4.90
C PHE A 12 1.03 0.16 -4.66
N LYS A 13 0.82 1.38 -5.11
CA LYS A 13 1.75 2.45 -4.89
C LYS A 13 1.40 3.19 -3.60
N CYS A 14 2.42 3.67 -2.90
CA CYS A 14 2.23 4.51 -1.74
C CYS A 14 1.55 5.82 -2.15
N ALA A 15 1.00 6.55 -1.19
CA ALA A 15 0.30 7.80 -1.48
C ALA A 15 1.26 8.85 -2.02
N ASP A 16 2.43 8.95 -1.40
CA ASP A 16 3.48 9.82 -1.89
C ASP A 16 4.15 9.20 -3.12
N GLY A 17 4.09 7.87 -3.18
CA GLY A 17 4.76 7.14 -4.25
C GLY A 17 6.19 6.83 -3.90
N SER A 18 6.45 6.59 -2.63
CA SER A 18 7.79 6.30 -2.15
C SER A 18 8.14 4.82 -2.36
N SER A 19 7.21 3.95 -1.99
CA SER A 19 7.41 2.51 -2.14
C SER A 19 6.22 1.89 -2.85
N CYS A 20 6.40 0.66 -3.32
CA CYS A 20 5.32 -0.08 -3.95
C CYS A 20 5.31 -1.51 -3.44
N ILE A 21 4.13 -1.97 -3.05
CA ILE A 21 3.95 -3.32 -2.56
C ILE A 21 3.01 -4.07 -3.47
N ASN A 22 2.95 -5.39 -3.32
CA ASN A 22 2.04 -6.21 -4.09
C ASN A 22 0.60 -5.94 -3.65
N SER A 23 -0.34 -6.13 -4.57
CA SER A 23 -1.75 -5.88 -4.31
C SER A 23 -2.32 -6.83 -3.24
N ARG A 24 -1.65 -7.97 -3.06
CA ARG A 24 -2.03 -8.94 -2.03
C ARG A 24 -1.67 -8.43 -0.63
N TYR A 25 -0.87 -7.36 -0.58
CA TYR A 25 -0.47 -6.76 0.68
C TYR A 25 -1.27 -5.50 0.94
N ARG A 26 -2.38 -5.35 0.25
CA ARG A 26 -3.32 -4.28 0.52
C ARG A 26 -4.35 -4.76 1.55
N CYS A 27 -4.28 -4.18 2.76
CA CYS A 27 -5.15 -4.55 3.89
C CYS A 27 -4.91 -5.99 4.32
N ASP A 28 -3.93 -6.19 5.20
CA ASP A 28 -3.63 -7.51 5.73
C ASP A 28 -3.51 -7.47 7.25
N GLY A 29 -2.95 -6.40 7.77
CA GLY A 29 -2.78 -6.27 9.20
C GLY A 29 -1.75 -5.22 9.57
N VAL A 30 -0.58 -5.31 8.95
CA VAL A 30 0.55 -4.45 9.33
C VAL A 30 0.85 -3.44 8.22
N TYR A 31 1.07 -2.18 8.62
CA TYR A 31 1.38 -1.11 7.68
C TYR A 31 2.69 -1.36 6.93
N ASP A 32 2.64 -1.29 5.62
CA ASP A 32 3.80 -1.57 4.77
C ASP A 32 4.28 -0.29 4.10
N CYS A 33 3.35 0.59 3.74
CA CYS A 33 3.68 1.81 3.01
C CYS A 33 4.30 2.85 3.94
N ARG A 34 5.16 3.69 3.37
CA ARG A 34 5.84 4.74 4.12
C ARG A 34 4.88 5.84 4.54
N ASP A 35 3.72 5.91 3.89
CA ASP A 35 2.69 6.88 4.24
C ASP A 35 1.53 6.19 4.95
N ASN A 36 1.65 4.86 5.11
CA ASN A 36 0.66 4.06 5.84
C ASN A 36 -0.70 4.03 5.14
N SER A 37 -0.69 4.18 3.83
CA SER A 37 -1.93 4.22 3.06
C SER A 37 -2.30 2.85 2.49
N ASP A 38 -1.50 1.84 2.83
CA ASP A 38 -1.72 0.49 2.34
C ASP A 38 -2.87 -0.16 3.08
N GLU A 39 -3.01 0.17 4.37
CA GLU A 39 -4.10 -0.34 5.17
C GLU A 39 -5.13 0.75 5.42
N ALA A 40 -4.79 1.97 5.03
CA ALA A 40 -5.70 3.10 5.15
C ALA A 40 -6.64 3.12 3.95
N GLY A 41 -7.76 2.44 4.10
CA GLY A 41 -8.72 2.32 3.02
C GLY A 41 -9.34 0.94 2.98
N CYS A 42 -9.50 0.33 4.15
CA CYS A 42 -10.02 -1.02 4.24
C CYS A 42 -11.54 -1.03 4.04
N PRO A 43 -12.05 -2.02 3.27
CA PRO A 43 -13.49 -2.13 3.00
C PRO A 43 -14.29 -2.61 4.21
N THR A 44 -15.46 -2.02 4.40
CA THR A 44 -16.31 -2.38 5.51
C THR A 44 -17.08 -3.67 5.21
N ARG A 45 -16.72 -4.74 5.89
CA ARG A 45 -17.39 -6.01 5.75
C ARG A 45 -18.30 -6.25 6.95
N PRO A 46 -19.55 -6.71 6.71
CA PRO A 46 -20.54 -6.95 7.76
C PRO A 46 -20.07 -8.02 8.75
N PRO A 47 -19.97 -7.67 10.04
CA PRO A 47 -19.55 -8.61 11.08
C PRO A 47 -20.68 -9.55 11.50
N GLY A 48 -20.31 -10.69 12.06
CA GLY A 48 -21.29 -11.63 12.54
C GLY A 48 -21.66 -11.38 13.99
CA CA B . -0.08 -3.99 4.37
N GLY A 1 22.02 7.28 -8.30
CA GLY A 1 20.61 6.98 -8.34
C GLY A 1 20.24 6.27 -9.63
N ALA A 2 19.87 5.00 -9.51
CA ALA A 2 19.51 4.20 -10.68
C ALA A 2 18.00 4.00 -10.77
N MET A 3 17.31 5.10 -11.12
CA MET A 3 15.86 5.12 -11.33
C MET A 3 15.08 4.84 -10.04
N VAL A 4 13.77 4.75 -10.16
CA VAL A 4 12.89 4.49 -9.03
C VAL A 4 12.47 3.03 -9.01
N LEU A 5 11.83 2.64 -7.92
CA LEU A 5 11.23 1.32 -7.79
C LEU A 5 10.27 1.05 -8.96
N ASN A 6 10.41 -0.12 -9.57
CA ASN A 6 9.60 -0.47 -10.73
C ASN A 6 8.39 -1.29 -10.29
N CYS A 7 7.22 -0.81 -10.65
CA CYS A 7 5.98 -1.48 -10.32
C CYS A 7 5.07 -1.55 -11.54
N THR A 8 4.02 -2.35 -11.44
CA THR A 8 3.05 -2.46 -12.51
C THR A 8 1.85 -1.57 -12.23
N SER A 9 0.87 -1.61 -13.13
CA SER A 9 -0.38 -0.89 -12.93
C SER A 9 -1.26 -1.60 -11.91
N ALA A 10 -1.02 -2.90 -11.74
CA ALA A 10 -1.78 -3.72 -10.80
C ALA A 10 -1.23 -3.60 -9.39
N GLN A 11 0.05 -3.24 -9.27
CA GLN A 11 0.67 -3.07 -7.97
C GLN A 11 0.21 -1.77 -7.32
N PHE A 12 0.19 -1.76 -6.00
CA PHE A 12 -0.26 -0.59 -5.26
C PHE A 12 0.93 0.31 -4.93
N LYS A 13 0.91 1.51 -5.50
CA LYS A 13 1.92 2.50 -5.17
C LYS A 13 1.57 3.16 -3.84
N CYS A 14 2.59 3.39 -3.02
CA CYS A 14 2.41 4.12 -1.78
C CYS A 14 1.97 5.55 -2.08
N ALA A 15 1.09 6.09 -1.24
CA ALA A 15 0.52 7.42 -1.46
C ALA A 15 1.61 8.50 -1.43
N ASP A 16 2.66 8.25 -0.68
CA ASP A 16 3.80 9.16 -0.56
C ASP A 16 4.62 9.16 -1.85
N GLY A 17 4.51 8.09 -2.62
CA GLY A 17 5.25 7.96 -3.86
C GLY A 17 6.69 7.54 -3.64
N SER A 18 6.92 6.80 -2.57
CA SER A 18 8.25 6.33 -2.23
C SER A 18 8.54 4.97 -2.87
N SER A 19 7.62 4.02 -2.66
CA SER A 19 7.80 2.66 -3.15
C SER A 19 6.47 2.06 -3.57
N CYS A 20 6.53 0.84 -4.10
CA CYS A 20 5.33 0.11 -4.50
C CYS A 20 5.27 -1.23 -3.78
N ILE A 21 4.07 -1.63 -3.40
CA ILE A 21 3.85 -2.94 -2.82
C ILE A 21 2.82 -3.70 -3.65
N ASN A 22 2.65 -4.97 -3.37
CA ASN A 22 1.71 -5.78 -4.12
C ASN A 22 0.28 -5.50 -3.66
N SER A 23 -0.68 -5.79 -4.52
CA SER A 23 -2.09 -5.59 -4.23
C SER A 23 -2.59 -6.63 -3.20
N ARG A 24 -1.81 -7.70 -3.02
CA ARG A 24 -2.14 -8.70 -2.02
C ARG A 24 -1.72 -8.20 -0.63
N TYR A 25 -0.92 -7.15 -0.62
CA TYR A 25 -0.47 -6.53 0.62
C TYR A 25 -1.31 -5.30 0.91
N ARG A 26 -2.47 -5.27 0.32
CA ARG A 26 -3.49 -4.31 0.68
C ARG A 26 -4.44 -4.97 1.69
N CYS A 27 -4.43 -4.45 2.92
CA CYS A 27 -5.22 -4.99 4.04
C CYS A 27 -4.67 -6.35 4.50
N ASP A 28 -3.65 -6.31 5.35
CA ASP A 28 -3.06 -7.52 5.92
C ASP A 28 -2.78 -7.36 7.41
N GLY A 29 -2.51 -6.14 7.85
CA GLY A 29 -2.27 -5.91 9.27
C GLY A 29 -0.93 -5.23 9.54
N VAL A 30 -0.01 -5.35 8.61
CA VAL A 30 1.30 -4.71 8.73
C VAL A 30 1.40 -3.54 7.78
N TYR A 31 1.66 -2.34 8.31
CA TYR A 31 1.69 -1.14 7.50
C TYR A 31 2.92 -1.11 6.60
N ASP A 32 2.69 -1.01 5.30
CA ASP A 32 3.75 -1.08 4.30
C ASP A 32 4.16 0.29 3.83
N CYS A 33 3.25 1.25 3.93
CA CYS A 33 3.52 2.61 3.52
C CYS A 33 4.28 3.37 4.61
N ARG A 34 4.71 4.59 4.29
CA ARG A 34 5.42 5.44 5.24
C ARG A 34 4.51 5.80 6.41
N ASP A 35 3.24 6.01 6.09
CA ASP A 35 2.23 6.20 7.12
C ASP A 35 1.42 4.92 7.28
N ASN A 36 0.23 4.87 6.70
CA ASN A 36 -0.64 3.71 6.80
C ASN A 36 -1.58 3.64 5.60
N SER A 37 -1.18 4.29 4.51
CA SER A 37 -2.02 4.47 3.33
C SER A 37 -2.43 3.15 2.67
N ASP A 38 -1.61 2.12 2.86
CA ASP A 38 -1.91 0.79 2.33
C ASP A 38 -3.16 0.21 2.98
N GLU A 39 -3.34 0.46 4.27
CA GLU A 39 -4.46 -0.06 5.01
C GLU A 39 -5.50 1.03 5.29
N ALA A 40 -5.25 2.22 4.78
CA ALA A 40 -6.18 3.34 4.90
C ALA A 40 -7.32 3.19 3.90
N GLY A 41 -7.04 2.48 2.81
CA GLY A 41 -8.06 2.21 1.81
C GLY A 41 -8.74 0.87 2.03
N CYS A 42 -8.73 0.42 3.28
CA CYS A 42 -9.34 -0.85 3.65
C CYS A 42 -10.85 -0.71 3.73
N PRO A 43 -11.60 -1.72 3.23
CA PRO A 43 -13.05 -1.75 3.35
C PRO A 43 -13.51 -1.83 4.82
N THR A 44 -14.47 -0.97 5.15
CA THR A 44 -14.99 -0.89 6.51
C THR A 44 -15.84 -2.11 6.84
N ARG A 45 -15.55 -2.75 7.97
CA ARG A 45 -16.27 -3.94 8.38
C ARG A 45 -17.58 -3.56 9.08
N PRO A 46 -18.72 -4.01 8.52
CA PRO A 46 -20.04 -3.73 9.09
C PRO A 46 -20.25 -4.49 10.41
N PRO A 47 -21.07 -3.93 11.32
CA PRO A 47 -21.41 -4.55 12.61
C PRO A 47 -21.93 -5.98 12.45
N GLY A 48 -21.19 -6.94 12.98
CA GLY A 48 -21.54 -8.34 12.86
C GLY A 48 -22.64 -8.74 13.81
CA CA B . -0.25 -3.56 4.20
N GLY A 1 9.73 13.92 -12.71
CA GLY A 1 8.41 13.54 -12.25
C GLY A 1 8.43 12.99 -10.84
N ALA A 2 8.74 11.70 -10.71
CA ALA A 2 8.79 11.04 -9.43
C ALA A 2 9.73 9.84 -9.50
N MET A 3 10.21 9.40 -8.35
CA MET A 3 11.08 8.23 -8.28
C MET A 3 10.24 6.95 -8.38
N VAL A 4 10.38 6.28 -9.50
CA VAL A 4 9.65 5.05 -9.75
C VAL A 4 10.53 3.84 -9.49
N LEU A 5 10.00 2.90 -8.72
CA LEU A 5 10.69 1.64 -8.48
C LEU A 5 10.20 0.59 -9.46
N ASN A 6 10.66 -0.64 -9.32
CA ASN A 6 10.26 -1.71 -10.22
C ASN A 6 8.94 -2.34 -9.77
N CYS A 7 7.87 -1.64 -10.09
CA CYS A 7 6.52 -2.07 -9.76
C CYS A 7 5.59 -1.68 -10.88
N THR A 8 4.53 -2.45 -11.07
CA THR A 8 3.56 -2.15 -12.10
C THR A 8 2.41 -1.32 -11.51
N SER A 9 1.58 -0.74 -12.38
CA SER A 9 0.49 0.12 -11.93
C SER A 9 -0.69 -0.70 -11.39
N ALA A 10 -0.64 -2.01 -11.60
CA ALA A 10 -1.61 -2.92 -11.01
C ALA A 10 -1.26 -3.17 -9.53
N GLN A 11 -0.02 -2.83 -9.17
CA GLN A 11 0.43 -2.93 -7.79
C GLN A 11 0.05 -1.66 -7.04
N PHE A 12 0.20 -1.68 -5.72
CA PHE A 12 -0.26 -0.56 -4.92
C PHE A 12 0.87 0.43 -4.66
N LYS A 13 0.82 1.54 -5.37
CA LYS A 13 1.71 2.66 -5.12
C LYS A 13 1.22 3.42 -3.89
N CYS A 14 2.16 3.81 -3.05
CA CYS A 14 1.88 4.54 -1.83
C CYS A 14 1.27 5.91 -2.15
N ALA A 15 0.60 6.50 -1.17
CA ALA A 15 -0.03 7.82 -1.36
C ALA A 15 1.03 8.91 -1.51
N ASP A 16 2.16 8.69 -0.85
CA ASP A 16 3.29 9.60 -0.97
C ASP A 16 4.22 9.18 -2.12
N GLY A 17 3.87 8.07 -2.78
CA GLY A 17 4.65 7.56 -3.89
C GLY A 17 6.05 7.12 -3.47
N SER A 18 6.19 6.78 -2.19
CA SER A 18 7.46 6.38 -1.63
C SER A 18 7.90 5.03 -2.17
N SER A 19 6.98 4.09 -2.18
CA SER A 19 7.24 2.75 -2.68
C SER A 19 5.97 2.17 -3.28
N CYS A 20 6.09 1.03 -3.93
CA CYS A 20 4.94 0.31 -4.44
C CYS A 20 4.97 -1.12 -3.94
N ILE A 21 3.96 -1.49 -3.19
CA ILE A 21 3.85 -2.84 -2.65
C ILE A 21 2.89 -3.66 -3.48
N ASN A 22 2.84 -4.95 -3.23
CA ASN A 22 1.94 -5.83 -3.95
C ASN A 22 0.51 -5.64 -3.48
N SER A 23 -0.44 -5.85 -4.38
CA SER A 23 -1.85 -5.69 -4.07
C SER A 23 -2.35 -6.81 -3.16
N ARG A 24 -1.53 -7.85 -2.94
CA ARG A 24 -1.87 -8.91 -2.01
C ARG A 24 -1.61 -8.43 -0.57
N TYR A 25 -0.84 -7.38 -0.45
CA TYR A 25 -0.51 -6.80 0.85
C TYR A 25 -1.36 -5.56 1.11
N ARG A 26 -2.50 -5.51 0.45
CA ARG A 26 -3.47 -4.47 0.71
C ARG A 26 -4.45 -4.93 1.80
N CYS A 27 -4.36 -4.29 2.96
CA CYS A 27 -5.19 -4.58 4.13
C CYS A 27 -4.94 -5.99 4.67
N ASP A 28 -3.85 -6.15 5.44
CA ASP A 28 -3.55 -7.41 6.08
C ASP A 28 -3.41 -7.23 7.60
N GLY A 29 -2.65 -6.23 8.03
CA GLY A 29 -2.46 -6.00 9.46
C GLY A 29 -1.23 -5.17 9.76
N VAL A 30 -0.17 -5.35 8.96
CA VAL A 30 1.09 -4.66 9.19
C VAL A 30 1.36 -3.66 8.07
N TYR A 31 1.62 -2.40 8.45
CA TYR A 31 1.82 -1.31 7.48
C TYR A 31 2.98 -1.60 6.53
N ASP A 32 2.68 -1.55 5.24
CA ASP A 32 3.65 -1.80 4.19
C ASP A 32 4.07 -0.50 3.54
N CYS A 33 3.13 0.43 3.44
CA CYS A 33 3.39 1.70 2.80
C CYS A 33 4.15 2.61 3.75
N ARG A 34 4.93 3.53 3.18
CA ARG A 34 5.73 4.45 3.98
C ARG A 34 4.88 5.58 4.54
N ASP A 35 3.62 5.63 4.11
CA ASP A 35 2.66 6.52 4.72
C ASP A 35 1.81 5.71 5.70
N ASN A 36 0.75 5.09 5.18
CA ASN A 36 -0.12 4.17 5.96
C ASN A 36 -1.33 3.76 5.12
N SER A 37 -1.30 4.10 3.83
CA SER A 37 -2.49 3.98 2.98
C SER A 37 -2.71 2.56 2.44
N ASP A 38 -1.82 1.64 2.79
CA ASP A 38 -1.97 0.26 2.38
C ASP A 38 -3.03 -0.44 3.23
N GLU A 39 -3.16 0.02 4.46
CA GLU A 39 -4.13 -0.56 5.39
C GLU A 39 -5.25 0.42 5.70
N ALA A 40 -4.92 1.71 5.70
CA ALA A 40 -5.91 2.75 5.94
C ALA A 40 -6.69 3.05 4.67
N GLY A 41 -6.20 2.53 3.55
CA GLY A 41 -6.87 2.73 2.28
C GLY A 41 -7.90 1.65 1.99
N CYS A 42 -8.34 0.97 3.05
CA CYS A 42 -9.37 -0.05 2.94
C CYS A 42 -10.71 0.60 2.59
N PRO A 43 -11.58 -0.14 1.86
CA PRO A 43 -12.89 0.39 1.46
C PRO A 43 -13.75 0.80 2.65
N THR A 44 -14.17 2.05 2.64
CA THR A 44 -14.99 2.60 3.72
C THR A 44 -16.39 2.01 3.69
N ARG A 45 -16.77 1.37 4.79
CA ARG A 45 -18.08 0.73 4.88
C ARG A 45 -19.12 1.77 5.30
N PRO A 46 -20.23 1.88 4.54
CA PRO A 46 -21.29 2.84 4.82
C PRO A 46 -21.96 2.62 6.18
N PRO A 47 -21.92 3.64 7.05
CA PRO A 47 -22.52 3.56 8.39
C PRO A 47 -24.04 3.68 8.33
N GLY A 48 -24.72 2.92 9.18
CA GLY A 48 -26.16 2.95 9.23
C GLY A 48 -26.71 1.80 10.05
CA CA B . 0.01 -4.09 4.42
N GLY A 1 19.09 8.99 -0.13
CA GLY A 1 18.27 9.87 -0.96
C GLY A 1 16.83 9.40 -1.00
N ALA A 2 16.02 10.08 -1.80
CA ALA A 2 14.62 9.70 -1.97
C ALA A 2 14.50 8.55 -2.95
N MET A 3 14.32 7.34 -2.43
CA MET A 3 14.24 6.14 -3.24
C MET A 3 12.88 6.04 -3.92
N VAL A 4 12.87 6.30 -5.22
CA VAL A 4 11.64 6.21 -6.00
C VAL A 4 11.48 4.79 -6.52
N LEU A 5 10.44 4.12 -6.06
CA LEU A 5 10.18 2.75 -6.46
C LEU A 5 9.36 2.72 -7.74
N ASN A 6 9.80 1.91 -8.69
CA ASN A 6 9.08 1.76 -9.94
C ASN A 6 8.21 0.50 -9.89
N CYS A 7 6.92 0.71 -9.75
CA CYS A 7 5.98 -0.39 -9.59
C CYS A 7 5.10 -0.54 -10.84
N THR A 8 4.44 -1.68 -10.94
CA THR A 8 3.55 -1.97 -12.05
C THR A 8 2.13 -1.51 -11.75
N SER A 9 1.22 -1.77 -12.67
CA SER A 9 -0.18 -1.40 -12.48
C SER A 9 -0.89 -2.43 -11.60
N ALA A 10 -0.26 -3.58 -11.43
CA ALA A 10 -0.79 -4.63 -10.55
C ALA A 10 -0.22 -4.49 -9.14
N GLN A 11 0.49 -3.39 -8.91
CA GLN A 11 1.07 -3.12 -7.62
C GLN A 11 0.48 -1.86 -7.03
N PHE A 12 0.51 -1.77 -5.71
CA PHE A 12 -0.01 -0.62 -5.00
C PHE A 12 1.12 0.33 -4.65
N LYS A 13 1.09 1.51 -5.26
CA LYS A 13 2.04 2.56 -4.93
C LYS A 13 1.53 3.33 -3.71
N CYS A 14 2.46 3.78 -2.87
CA CYS A 14 2.15 4.58 -1.71
C CYS A 14 1.50 5.90 -2.13
N ALA A 15 0.90 6.60 -1.16
CA ALA A 15 0.18 7.84 -1.44
C ALA A 15 1.10 8.91 -2.04
N ASP A 16 2.29 9.05 -1.47
CA ASP A 16 3.26 10.02 -1.99
C ASP A 16 4.29 9.33 -2.89
N GLY A 17 4.03 8.07 -3.24
CA GLY A 17 4.91 7.34 -4.14
C GLY A 17 6.23 6.94 -3.51
N SER A 18 6.21 6.68 -2.22
CA SER A 18 7.41 6.27 -1.50
C SER A 18 7.82 4.85 -1.89
N SER A 19 6.99 3.89 -1.53
CA SER A 19 7.27 2.49 -1.81
C SER A 19 6.13 1.87 -2.61
N CYS A 20 6.34 0.66 -3.11
CA CYS A 20 5.29 -0.07 -3.80
C CYS A 20 5.26 -1.52 -3.35
N ILE A 21 4.09 -1.96 -2.93
CA ILE A 21 3.88 -3.36 -2.60
C ILE A 21 2.90 -3.95 -3.59
N ASN A 22 2.59 -5.22 -3.48
CA ASN A 22 1.58 -5.81 -4.34
C ASN A 22 0.19 -5.42 -3.83
N SER A 23 -0.75 -5.30 -4.74
CA SER A 23 -2.14 -4.98 -4.37
C SER A 23 -2.80 -6.13 -3.61
N ARG A 24 -2.14 -7.29 -3.58
CA ARG A 24 -2.63 -8.43 -2.82
C ARG A 24 -2.23 -8.31 -1.35
N TYR A 25 -1.29 -7.41 -1.06
CA TYR A 25 -0.83 -7.17 0.30
C TYR A 25 -1.65 -6.06 0.95
N ARG A 26 -2.59 -5.50 0.20
CA ARG A 26 -3.49 -4.49 0.71
C ARG A 26 -4.51 -5.17 1.62
N CYS A 27 -4.63 -4.66 2.85
CA CYS A 27 -5.46 -5.27 3.89
C CYS A 27 -4.88 -6.61 4.33
N ASP A 28 -3.67 -6.58 4.87
CA ASP A 28 -3.00 -7.80 5.33
C ASP A 28 -2.76 -7.77 6.83
N GLY A 29 -2.57 -6.57 7.38
CA GLY A 29 -2.41 -6.43 8.82
C GLY A 29 -1.34 -5.44 9.21
N VAL A 30 -0.25 -5.41 8.46
CA VAL A 30 0.89 -4.56 8.81
C VAL A 30 1.04 -3.41 7.81
N TYR A 31 1.35 -2.22 8.32
CA TYR A 31 1.54 -1.05 7.47
C TYR A 31 2.77 -1.22 6.57
N ASP A 32 2.52 -1.32 5.28
CA ASP A 32 3.57 -1.56 4.29
C ASP A 32 4.04 -0.24 3.70
N CYS A 33 3.13 0.71 3.63
CA CYS A 33 3.43 2.00 3.04
C CYS A 33 3.96 2.97 4.09
N ARG A 34 4.81 3.89 3.66
CA ARG A 34 5.37 4.90 4.55
C ARG A 34 4.31 5.91 4.97
N ASP A 35 3.27 6.05 4.16
CA ASP A 35 2.17 6.94 4.47
C ASP A 35 1.03 6.15 5.11
N ASN A 36 1.25 4.84 5.28
CA ASN A 36 0.31 3.92 5.94
C ASN A 36 -0.99 3.73 5.13
N SER A 37 -0.98 4.22 3.89
CA SER A 37 -2.20 4.30 3.08
C SER A 37 -2.68 2.93 2.59
N ASP A 38 -1.87 1.90 2.76
CA ASP A 38 -2.24 0.55 2.34
C ASP A 38 -3.34 0.00 3.23
N GLU A 39 -3.24 0.25 4.53
CA GLU A 39 -4.22 -0.28 5.48
C GLU A 39 -5.11 0.83 6.03
N ALA A 40 -4.66 2.08 5.94
CA ALA A 40 -5.47 3.22 6.34
C ALA A 40 -6.58 3.44 5.32
N GLY A 41 -6.25 3.25 4.05
CA GLY A 41 -7.24 3.32 2.99
C GLY A 41 -7.81 1.95 2.68
N CYS A 42 -8.14 1.22 3.73
CA CYS A 42 -8.67 -0.13 3.62
C CYS A 42 -9.76 -0.33 4.66
N PRO A 43 -10.79 -1.15 4.35
CA PRO A 43 -11.85 -1.49 5.32
C PRO A 43 -11.29 -2.21 6.55
N THR A 44 -11.20 -1.49 7.65
CA THR A 44 -10.69 -2.04 8.89
C THR A 44 -11.84 -2.43 9.81
N ARG A 45 -11.99 -3.75 10.01
CA ARG A 45 -13.10 -4.34 10.77
C ARG A 45 -14.44 -4.19 10.04
N PRO A 46 -15.12 -5.31 9.79
CA PRO A 46 -16.41 -5.32 9.08
C PRO A 46 -17.51 -4.60 9.87
N PRO A 47 -18.29 -3.74 9.20
CA PRO A 47 -19.39 -3.01 9.82
C PRO A 47 -20.55 -3.93 10.20
N GLY A 48 -20.88 -3.95 11.49
CA GLY A 48 -21.96 -4.79 11.96
C GLY A 48 -23.30 -4.10 11.82
CA CA B . -0.24 -4.07 4.10
N GLY A 1 18.71 10.95 -12.11
CA GLY A 1 18.10 11.82 -11.13
C GLY A 1 18.17 11.25 -9.73
N ALA A 2 17.17 10.45 -9.37
CA ALA A 2 17.12 9.81 -8.07
C ALA A 2 16.68 8.36 -8.19
N MET A 3 16.77 7.61 -7.11
CA MET A 3 16.35 6.22 -7.09
C MET A 3 14.85 6.11 -6.75
N VAL A 4 14.03 6.71 -7.60
CA VAL A 4 12.58 6.70 -7.40
C VAL A 4 12.02 5.31 -7.67
N LEU A 5 10.98 4.94 -6.93
CA LEU A 5 10.37 3.63 -7.08
C LEU A 5 9.64 3.51 -8.41
N ASN A 6 9.52 2.27 -8.86
CA ASN A 6 8.91 1.97 -10.14
C ASN A 6 8.04 0.74 -10.00
N CYS A 7 6.75 0.91 -10.19
CA CYS A 7 5.81 -0.17 -10.02
C CYS A 7 4.89 -0.30 -11.22
N THR A 8 4.16 -1.40 -11.27
CA THR A 8 3.17 -1.61 -12.31
C THR A 8 1.84 -1.00 -11.88
N SER A 9 0.87 -1.01 -12.78
CA SER A 9 -0.47 -0.54 -12.47
C SER A 9 -1.28 -1.64 -11.76
N ALA A 10 -0.63 -2.79 -11.56
CA ALA A 10 -1.23 -3.90 -10.83
C ALA A 10 -0.78 -3.90 -9.38
N GLN A 11 0.35 -3.25 -9.12
CA GLN A 11 0.89 -3.11 -7.78
C GLN A 11 0.19 -1.97 -7.05
N PHE A 12 0.31 -1.95 -5.73
CA PHE A 12 -0.25 -0.87 -4.95
C PHE A 12 0.80 0.21 -4.71
N LYS A 13 0.57 1.37 -5.29
CA LYS A 13 1.43 2.52 -5.11
C LYS A 13 1.04 3.27 -3.85
N CYS A 14 2.04 3.72 -3.10
CA CYS A 14 1.82 4.46 -1.88
C CYS A 14 1.38 5.90 -2.18
N ALA A 15 0.98 6.62 -1.14
CA ALA A 15 0.41 7.98 -1.31
C ALA A 15 1.42 8.95 -1.90
N ASP A 16 2.63 8.96 -1.37
CA ASP A 16 3.69 9.84 -1.87
C ASP A 16 4.38 9.21 -3.08
N GLY A 17 4.15 7.91 -3.27
CA GLY A 17 4.76 7.20 -4.38
C GLY A 17 6.19 6.79 -4.09
N SER A 18 6.59 6.84 -2.82
CA SER A 18 7.93 6.48 -2.41
C SER A 18 8.15 4.97 -2.43
N SER A 19 7.06 4.22 -2.29
CA SER A 19 7.13 2.77 -2.27
C SER A 19 5.95 2.17 -3.04
N CYS A 20 6.16 0.97 -3.55
CA CYS A 20 5.10 0.21 -4.21
C CYS A 20 5.15 -1.24 -3.75
N ILE A 21 4.06 -1.71 -3.19
CA ILE A 21 4.01 -3.04 -2.62
C ILE A 21 3.08 -3.93 -3.43
N ASN A 22 3.20 -5.24 -3.21
CA ASN A 22 2.32 -6.22 -3.83
C ASN A 22 0.89 -5.99 -3.40
N SER A 23 -0.04 -6.27 -4.30
CA SER A 23 -1.47 -6.13 -4.03
C SER A 23 -1.97 -7.12 -2.96
N ARG A 24 -1.11 -8.09 -2.60
CA ARG A 24 -1.43 -9.03 -1.52
C ARG A 24 -1.25 -8.34 -0.16
N TYR A 25 -0.54 -7.22 -0.19
CA TYR A 25 -0.30 -6.42 1.01
C TYR A 25 -1.29 -5.27 1.08
N ARG A 26 -2.39 -5.43 0.39
CA ARG A 26 -3.49 -4.50 0.53
C ARG A 26 -4.51 -5.04 1.52
N CYS A 27 -4.55 -4.43 2.70
CA CYS A 27 -5.43 -4.85 3.79
C CYS A 27 -5.11 -6.27 4.23
N ASP A 28 -4.01 -6.43 4.96
CA ASP A 28 -3.60 -7.73 5.44
C ASP A 28 -3.42 -7.74 6.95
N GLY A 29 -3.19 -6.57 7.53
CA GLY A 29 -3.05 -6.47 8.97
C GLY A 29 -1.87 -5.62 9.38
N VAL A 30 -0.73 -5.83 8.71
CA VAL A 30 0.49 -5.12 9.06
C VAL A 30 0.73 -3.98 8.07
N TYR A 31 0.89 -2.75 8.57
CA TYR A 31 1.09 -1.59 7.72
C TYR A 31 2.48 -1.66 7.05
N ASP A 32 2.50 -1.46 5.74
CA ASP A 32 3.72 -1.68 4.94
C ASP A 32 4.34 -0.38 4.49
N CYS A 33 3.49 0.60 4.20
CA CYS A 33 3.95 1.86 3.64
C CYS A 33 4.64 2.73 4.68
N ARG A 34 5.50 3.63 4.20
CA ARG A 34 6.14 4.62 5.06
C ARG A 34 5.13 5.67 5.50
N ASP A 35 4.04 5.75 4.75
CA ASP A 35 2.93 6.61 5.08
C ASP A 35 1.94 5.82 5.93
N ASN A 36 0.93 5.25 5.26
CA ASN A 36 -0.05 4.34 5.88
C ASN A 36 -1.05 3.92 4.83
N SER A 37 -0.71 4.20 3.57
CA SER A 37 -1.66 4.16 2.47
C SER A 37 -2.22 2.76 2.20
N ASP A 38 -1.43 1.73 2.49
CA ASP A 38 -1.80 0.34 2.20
C ASP A 38 -3.00 -0.10 3.03
N GLU A 39 -3.08 0.39 4.27
CA GLU A 39 -4.15 0.01 5.17
C GLU A 39 -4.92 1.24 5.65
N ALA A 40 -4.85 2.32 4.87
CA ALA A 40 -5.59 3.53 5.19
C ALA A 40 -7.05 3.36 4.80
N GLY A 41 -7.32 3.47 3.50
CA GLY A 41 -8.65 3.26 2.99
C GLY A 41 -8.89 1.80 2.68
N CYS A 42 -9.04 1.00 3.72
CA CYS A 42 -9.25 -0.42 3.59
C CYS A 42 -10.74 -0.74 3.72
N PRO A 43 -11.26 -1.62 2.83
CA PRO A 43 -12.65 -2.08 2.87
C PRO A 43 -13.08 -2.51 4.27
N THR A 44 -13.99 -1.74 4.85
CA THR A 44 -14.46 -1.99 6.19
C THR A 44 -15.78 -2.77 6.17
N ARG A 45 -15.92 -3.70 7.11
CA ARG A 45 -17.15 -4.45 7.25
C ARG A 45 -18.16 -3.64 8.05
N PRO A 46 -19.37 -3.42 7.48
CA PRO A 46 -20.43 -2.66 8.14
C PRO A 46 -20.88 -3.33 9.44
N PRO A 47 -20.79 -2.61 10.57
CA PRO A 47 -21.21 -3.11 11.89
C PRO A 47 -22.70 -3.40 11.93
N GLY A 48 -23.04 -4.67 12.11
CA GLY A 48 -24.42 -5.07 12.17
C GLY A 48 -24.57 -6.57 12.05
CA CA B . -0.27 -3.80 4.32
N GLY A 1 21.62 7.05 -10.24
CA GLY A 1 21.13 5.75 -10.60
C GLY A 1 19.72 5.53 -10.08
N ALA A 2 18.74 5.89 -10.89
CA ALA A 2 17.35 5.77 -10.50
C ALA A 2 16.81 4.40 -10.88
N MET A 3 17.07 3.42 -10.02
CA MET A 3 16.58 2.07 -10.23
C MET A 3 15.11 1.97 -9.83
N VAL A 4 14.30 1.38 -10.69
CA VAL A 4 12.87 1.26 -10.43
C VAL A 4 12.59 0.09 -9.49
N LEU A 5 11.41 0.12 -8.90
CA LEU A 5 10.99 -0.90 -7.95
C LEU A 5 10.26 -2.04 -8.67
N ASN A 6 9.77 -3.00 -7.91
CA ASN A 6 9.08 -4.16 -8.45
C ASN A 6 7.56 -3.93 -8.46
N CYS A 7 7.19 -2.73 -8.82
CA CYS A 7 5.79 -2.35 -8.86
C CYS A 7 5.39 -1.89 -10.25
N THR A 8 4.11 -2.05 -10.55
CA THR A 8 3.54 -1.54 -11.77
C THR A 8 2.17 -0.91 -11.45
N SER A 9 1.35 -0.64 -12.46
CA SER A 9 0.05 -0.01 -12.27
C SER A 9 -0.94 -0.92 -11.54
N ALA A 10 -0.67 -2.23 -11.55
CA ALA A 10 -1.52 -3.20 -10.87
C ALA A 10 -1.18 -3.29 -9.38
N GLN A 11 0.02 -2.83 -9.03
CA GLN A 11 0.48 -2.86 -7.64
C GLN A 11 -0.02 -1.66 -6.88
N PHE A 12 0.11 -1.69 -5.56
CA PHE A 12 -0.31 -0.59 -4.73
C PHE A 12 0.83 0.40 -4.57
N LYS A 13 0.54 1.66 -4.86
CA LYS A 13 1.54 2.71 -4.74
C LYS A 13 1.34 3.47 -3.43
N CYS A 14 2.43 3.97 -2.86
CA CYS A 14 2.37 4.81 -1.68
C CYS A 14 1.68 6.13 -2.03
N ALA A 15 1.14 6.82 -1.03
CA ALA A 15 0.48 8.10 -1.25
C ALA A 15 1.48 9.16 -1.72
N ASP A 16 2.70 9.06 -1.23
CA ASP A 16 3.79 9.93 -1.66
C ASP A 16 4.33 9.48 -3.02
N GLY A 17 4.17 8.19 -3.31
CA GLY A 17 4.63 7.64 -4.57
C GLY A 17 6.09 7.24 -4.54
N SER A 18 6.63 7.07 -3.34
CA SER A 18 8.02 6.70 -3.16
C SER A 18 8.21 5.21 -3.40
N SER A 19 7.57 4.39 -2.59
CA SER A 19 7.66 2.95 -2.72
C SER A 19 6.33 2.36 -3.16
N CYS A 20 6.35 1.10 -3.55
CA CYS A 20 5.15 0.41 -3.94
C CYS A 20 5.17 -1.02 -3.41
N ILE A 21 4.03 -1.49 -2.96
CA ILE A 21 3.92 -2.84 -2.45
C ILE A 21 3.00 -3.66 -3.34
N ASN A 22 3.02 -4.97 -3.16
CA ASN A 22 2.18 -5.85 -3.95
C ASN A 22 0.73 -5.71 -3.54
N SER A 23 -0.17 -5.93 -4.49
CA SER A 23 -1.60 -5.82 -4.26
C SER A 23 -2.09 -6.94 -3.33
N ARG A 24 -1.26 -7.97 -3.16
CA ARG A 24 -1.61 -9.10 -2.30
C ARG A 24 -1.42 -8.73 -0.83
N TYR A 25 -0.78 -7.59 -0.58
CA TYR A 25 -0.53 -7.13 0.78
C TYR A 25 -1.58 -6.12 1.21
N ARG A 26 -2.47 -5.75 0.30
CA ARG A 26 -3.51 -4.78 0.58
C ARG A 26 -4.55 -5.36 1.56
N CYS A 27 -4.68 -4.72 2.73
CA CYS A 27 -5.54 -5.20 3.82
C CYS A 27 -5.08 -6.57 4.29
N ASP A 28 -3.97 -6.59 5.03
CA ASP A 28 -3.36 -7.84 5.47
C ASP A 28 -3.16 -7.86 6.99
N GLY A 29 -3.11 -6.69 7.60
CA GLY A 29 -2.92 -6.60 9.04
C GLY A 29 -1.73 -5.74 9.42
N VAL A 30 -0.73 -5.72 8.55
CA VAL A 30 0.49 -4.98 8.82
C VAL A 30 0.51 -3.66 8.03
N TYR A 31 1.38 -2.73 8.41
CA TYR A 31 1.53 -1.49 7.67
C TYR A 31 2.72 -1.59 6.74
N ASP A 32 2.48 -1.42 5.45
CA ASP A 32 3.52 -1.62 4.44
C ASP A 32 4.12 -0.30 3.99
N CYS A 33 3.26 0.64 3.64
CA CYS A 33 3.68 1.91 3.09
C CYS A 33 4.09 2.86 4.20
N ARG A 34 5.01 3.78 3.88
CA ARG A 34 5.46 4.79 4.83
C ARG A 34 4.36 5.82 5.09
N ASP A 35 3.42 5.92 4.16
CA ASP A 35 2.29 6.82 4.30
C ASP A 35 1.10 6.10 4.94
N ASN A 36 1.30 4.79 5.22
CA ASN A 36 0.29 3.95 5.86
C ASN A 36 -0.97 3.81 5.01
N SER A 37 -0.86 4.13 3.72
CA SER A 37 -1.99 4.21 2.82
C SER A 37 -2.57 2.85 2.47
N ASP A 38 -1.76 1.81 2.63
CA ASP A 38 -2.14 0.45 2.28
C ASP A 38 -3.28 -0.06 3.15
N GLU A 39 -3.28 0.35 4.41
CA GLU A 39 -4.32 -0.06 5.34
C GLU A 39 -5.21 1.11 5.73
N ALA A 40 -4.83 2.31 5.31
CA ALA A 40 -5.65 3.50 5.53
C ALA A 40 -6.89 3.46 4.65
N GLY A 41 -6.74 2.85 3.48
CA GLY A 41 -7.86 2.70 2.57
C GLY A 41 -8.54 1.36 2.70
N CYS A 42 -8.31 0.68 3.81
CA CYS A 42 -8.93 -0.58 4.11
C CYS A 42 -10.25 -0.33 4.84
N PRO A 43 -11.23 -1.25 4.74
CA PRO A 43 -12.50 -1.13 5.46
C PRO A 43 -12.31 -1.17 6.97
N THR A 44 -12.28 0.02 7.58
CA THR A 44 -12.04 0.15 9.00
C THR A 44 -13.28 -0.19 9.81
N ARG A 45 -13.13 -1.12 10.75
CA ARG A 45 -14.21 -1.50 11.64
C ARG A 45 -13.89 -1.07 13.06
N PRO A 46 -14.87 -0.46 13.75
CA PRO A 46 -14.75 -0.13 15.17
C PRO A 46 -14.56 -1.38 16.02
N PRO A 47 -13.53 -1.38 16.89
CA PRO A 47 -13.24 -2.52 17.77
C PRO A 47 -14.37 -2.81 18.75
N GLY A 48 -15.02 -3.94 18.55
CA GLY A 48 -16.16 -4.31 19.36
C GLY A 48 -17.20 -5.03 18.53
CA CA B . -0.73 -3.82 4.32
N GLY A 1 11.77 10.08 -16.49
CA GLY A 1 12.75 9.87 -15.45
C GLY A 1 12.98 8.40 -15.18
N ALA A 2 14.23 8.01 -15.03
CA ALA A 2 14.58 6.60 -14.82
C ALA A 2 14.68 6.26 -13.35
N MET A 3 14.19 7.15 -12.50
CA MET A 3 14.16 6.90 -11.06
C MET A 3 12.82 6.28 -10.68
N VAL A 4 12.55 5.11 -11.22
CA VAL A 4 11.29 4.42 -10.99
C VAL A 4 11.57 2.96 -10.65
N LEU A 5 10.67 2.36 -9.89
CA LEU A 5 10.83 0.97 -9.47
C LEU A 5 10.14 0.04 -10.47
N ASN A 6 10.07 -1.24 -10.13
CA ASN A 6 9.50 -2.25 -11.02
C ASN A 6 8.00 -2.43 -10.77
N CYS A 7 7.39 -1.45 -10.10
CA CYS A 7 5.98 -1.51 -9.79
C CYS A 7 5.14 -0.96 -10.94
N THR A 8 3.94 -1.49 -11.06
CA THR A 8 2.98 -1.01 -12.03
C THR A 8 1.71 -0.55 -11.30
N SER A 9 0.69 -0.14 -12.03
CA SER A 9 -0.57 0.34 -11.45
C SER A 9 -1.38 -0.81 -10.87
N ALA A 10 -1.04 -2.04 -11.27
CA ALA A 10 -1.65 -3.24 -10.70
C ALA A 10 -1.14 -3.46 -9.28
N GLN A 11 0.06 -2.98 -9.01
CA GLN A 11 0.62 -3.00 -7.67
C GLN A 11 0.11 -1.80 -6.89
N PHE A 12 0.28 -1.82 -5.58
CA PHE A 12 -0.16 -0.70 -4.77
C PHE A 12 1.01 0.24 -4.50
N LYS A 13 0.85 1.49 -4.89
CA LYS A 13 1.85 2.50 -4.66
C LYS A 13 1.53 3.27 -3.39
N CYS A 14 2.58 3.78 -2.73
CA CYS A 14 2.43 4.58 -1.53
C CYS A 14 1.74 5.91 -1.84
N ALA A 15 1.47 6.70 -0.79
CA ALA A 15 0.77 7.98 -0.94
C ALA A 15 1.53 8.93 -1.87
N ASP A 16 2.84 9.01 -1.69
CA ASP A 16 3.68 9.84 -2.54
C ASP A 16 4.06 9.11 -3.82
N GLY A 17 3.85 7.79 -3.83
CA GLY A 17 4.21 6.98 -4.98
C GLY A 17 5.65 6.53 -4.97
N SER A 18 6.34 6.74 -3.85
CA SER A 18 7.74 6.37 -3.73
C SER A 18 7.90 4.85 -3.64
N SER A 19 7.31 4.25 -2.61
CA SER A 19 7.40 2.82 -2.42
C SER A 19 6.21 2.12 -3.08
N CYS A 20 6.41 0.87 -3.46
CA CYS A 20 5.34 0.08 -4.07
C CYS A 20 5.34 -1.33 -3.49
N ILE A 21 4.18 -1.79 -3.08
CA ILE A 21 4.02 -3.14 -2.57
C ILE A 21 3.03 -3.90 -3.44
N ASN A 22 3.07 -5.22 -3.33
CA ASN A 22 2.15 -6.06 -4.10
C ASN A 22 0.73 -5.91 -3.59
N SER A 23 -0.24 -6.06 -4.49
CA SER A 23 -1.65 -5.90 -4.16
C SER A 23 -2.14 -7.02 -3.23
N ARG A 24 -1.37 -8.10 -3.17
CA ARG A 24 -1.68 -9.23 -2.30
C ARG A 24 -1.35 -8.92 -0.84
N TYR A 25 -0.59 -7.86 -0.62
CA TYR A 25 -0.19 -7.46 0.72
C TYR A 25 -1.04 -6.30 1.21
N ARG A 26 -2.03 -5.91 0.42
CA ARG A 26 -2.94 -4.85 0.83
C ARG A 26 -4.06 -5.46 1.69
N CYS A 27 -4.40 -4.77 2.77
CA CYS A 27 -5.39 -5.24 3.76
C CYS A 27 -4.91 -6.54 4.42
N ASP A 28 -3.76 -6.47 5.10
CA ASP A 28 -3.18 -7.63 5.75
C ASP A 28 -3.15 -7.46 7.27
N GLY A 29 -2.96 -6.22 7.71
CA GLY A 29 -2.90 -5.94 9.13
C GLY A 29 -1.73 -5.05 9.50
N VAL A 30 -0.61 -5.22 8.81
CA VAL A 30 0.57 -4.42 9.07
C VAL A 30 0.68 -3.29 8.05
N TYR A 31 1.38 -2.22 8.38
CA TYR A 31 1.53 -1.09 7.46
C TYR A 31 2.77 -1.25 6.61
N ASP A 32 2.56 -1.31 5.30
CA ASP A 32 3.64 -1.51 4.34
C ASP A 32 4.22 -0.18 3.91
N CYS A 33 3.34 0.80 3.77
CA CYS A 33 3.73 2.14 3.39
C CYS A 33 4.37 2.85 4.57
N ARG A 34 5.07 3.96 4.32
CA ARG A 34 5.73 4.72 5.37
C ARG A 34 4.77 5.67 6.07
N ASP A 35 3.53 5.24 6.15
CA ASP A 35 2.47 5.95 6.84
C ASP A 35 1.42 4.94 7.27
N ASN A 36 0.36 4.81 6.48
CA ASN A 36 -0.62 3.74 6.65
C ASN A 36 -1.46 3.60 5.39
N SER A 37 -0.95 4.19 4.29
CA SER A 37 -1.69 4.35 3.04
C SER A 37 -2.23 3.02 2.49
N ASP A 38 -1.47 1.95 2.67
CA ASP A 38 -1.84 0.63 2.18
C ASP A 38 -3.15 0.14 2.79
N GLU A 39 -3.36 0.46 4.06
CA GLU A 39 -4.54 0.00 4.79
C GLU A 39 -5.49 1.14 5.12
N ALA A 40 -5.12 2.36 4.70
CA ALA A 40 -5.93 3.54 4.93
C ALA A 40 -7.12 3.59 3.98
N GLY A 41 -6.91 3.04 2.79
CA GLY A 41 -7.97 2.99 1.80
C GLY A 41 -8.63 1.63 1.75
N CYS A 42 -8.64 0.96 2.89
CA CYS A 42 -9.23 -0.37 2.99
C CYS A 42 -9.99 -0.50 4.30
N PRO A 43 -11.26 -0.95 4.24
CA PRO A 43 -12.08 -1.17 5.44
C PRO A 43 -11.55 -2.33 6.28
N THR A 44 -11.91 -2.33 7.56
CA THR A 44 -11.48 -3.37 8.49
C THR A 44 -12.09 -4.71 8.13
N ARG A 45 -11.30 -5.77 8.24
CA ARG A 45 -11.76 -7.11 7.92
C ARG A 45 -12.52 -7.71 9.10
N PRO A 46 -13.65 -8.39 8.83
CA PRO A 46 -14.48 -9.01 9.87
C PRO A 46 -13.75 -10.15 10.58
N PRO A 47 -14.03 -10.35 11.88
CA PRO A 47 -13.43 -11.44 12.66
C PRO A 47 -13.99 -12.80 12.27
N GLY A 48 -13.20 -13.58 11.55
CA GLY A 48 -13.63 -14.90 11.13
C GLY A 48 -12.98 -15.29 9.82
CA CA B . -0.40 -3.71 4.20
N GLY A 1 14.87 13.83 -13.14
CA GLY A 1 15.14 12.80 -12.15
C GLY A 1 14.02 11.79 -12.06
N ALA A 2 14.02 10.84 -12.97
CA ALA A 2 12.99 9.80 -12.98
C ALA A 2 13.55 8.51 -12.37
N MET A 3 13.37 8.39 -11.06
CA MET A 3 13.85 7.21 -10.34
C MET A 3 12.91 6.03 -10.56
N VAL A 4 13.47 4.87 -10.82
CA VAL A 4 12.68 3.69 -11.08
C VAL A 4 12.59 2.82 -9.84
N LEU A 5 11.36 2.42 -9.54
CA LEU A 5 11.09 1.50 -8.44
C LEU A 5 10.56 0.19 -9.01
N ASN A 6 10.58 -0.86 -8.21
CA ASN A 6 10.15 -2.17 -8.69
C ASN A 6 8.66 -2.35 -8.53
N CYS A 7 7.92 -1.73 -9.42
CA CYS A 7 6.47 -1.77 -9.41
C CYS A 7 5.90 -1.21 -10.71
N THR A 8 4.66 -1.55 -10.99
CA THR A 8 3.93 -0.97 -12.08
C THR A 8 2.49 -0.67 -11.59
N SER A 9 1.57 -0.37 -12.51
CA SER A 9 0.21 0.01 -12.14
C SER A 9 -0.60 -1.18 -11.61
N ALA A 10 -0.05 -2.39 -11.77
CA ALA A 10 -0.70 -3.59 -11.25
C ALA A 10 -0.44 -3.75 -9.76
N GLN A 11 0.62 -3.11 -9.25
CA GLN A 11 0.94 -3.17 -7.84
C GLN A 11 0.30 -2.01 -7.10
N PHE A 12 0.46 -2.00 -5.79
CA PHE A 12 -0.10 -0.94 -4.97
C PHE A 12 0.97 0.07 -4.61
N LYS A 13 0.77 1.32 -5.00
CA LYS A 13 1.69 2.38 -4.66
C LYS A 13 1.19 3.14 -3.45
N CYS A 14 2.10 3.74 -2.69
CA CYS A 14 1.75 4.59 -1.59
C CYS A 14 1.05 5.85 -2.09
N ALA A 15 0.40 6.58 -1.18
CA ALA A 15 -0.38 7.76 -1.55
C ALA A 15 0.50 8.88 -2.11
N ASP A 16 1.66 9.10 -1.50
CA ASP A 16 2.60 10.11 -1.96
C ASP A 16 3.53 9.53 -3.03
N GLY A 17 3.48 8.22 -3.18
CA GLY A 17 4.36 7.54 -4.14
C GLY A 17 5.69 7.20 -3.51
N SER A 18 5.70 7.03 -2.20
CA SER A 18 6.91 6.72 -1.45
C SER A 18 7.49 5.36 -1.83
N SER A 19 6.64 4.34 -1.83
CA SER A 19 7.06 2.99 -2.18
C SER A 19 5.94 2.26 -2.90
N CYS A 20 6.21 1.05 -3.36
CA CYS A 20 5.18 0.22 -3.95
C CYS A 20 5.29 -1.22 -3.43
N ILE A 21 4.16 -1.76 -3.02
CA ILE A 21 4.08 -3.13 -2.55
C ILE A 21 3.16 -3.92 -3.47
N ASN A 22 3.03 -5.22 -3.22
CA ASN A 22 2.10 -6.04 -3.98
C ASN A 22 0.68 -5.74 -3.53
N SER A 23 -0.26 -5.86 -4.46
CA SER A 23 -1.67 -5.53 -4.19
C SER A 23 -2.29 -6.49 -3.18
N ARG A 24 -1.69 -7.67 -3.04
CA ARG A 24 -2.15 -8.67 -2.08
C ARG A 24 -1.84 -8.25 -0.64
N TYR A 25 -1.01 -7.24 -0.47
CA TYR A 25 -0.63 -6.75 0.84
C TYR A 25 -1.61 -5.69 1.34
N ARG A 26 -2.47 -5.22 0.45
CA ARG A 26 -3.47 -4.21 0.81
C ARG A 26 -4.49 -4.78 1.79
N CYS A 27 -4.51 -4.22 2.99
CA CYS A 27 -5.38 -4.69 4.09
C CYS A 27 -5.05 -6.14 4.48
N ASP A 28 -4.00 -6.28 5.29
CA ASP A 28 -3.53 -7.61 5.68
C ASP A 28 -3.28 -7.70 7.19
N GLY A 29 -3.15 -6.55 7.85
CA GLY A 29 -2.95 -6.51 9.29
C GLY A 29 -1.77 -5.66 9.72
N VAL A 30 -0.79 -5.54 8.83
CA VAL A 30 0.44 -4.80 9.14
C VAL A 30 0.56 -3.57 8.24
N TYR A 31 1.55 -2.71 8.45
CA TYR A 31 1.77 -1.58 7.57
C TYR A 31 2.97 -1.83 6.67
N ASP A 32 2.77 -1.68 5.36
CA ASP A 32 3.78 -2.01 4.36
C ASP A 32 4.36 -0.76 3.73
N CYS A 33 3.48 0.18 3.41
CA CYS A 33 3.87 1.40 2.74
C CYS A 33 4.57 2.35 3.70
N ARG A 34 5.56 3.09 3.21
CA ARG A 34 6.18 4.17 3.98
C ARG A 34 5.32 5.43 3.87
N ASP A 35 4.05 5.21 4.13
CA ASP A 35 3.00 6.18 3.87
C ASP A 35 1.73 5.79 4.64
N ASN A 36 1.61 4.47 4.91
CA ASN A 36 0.48 3.85 5.64
C ASN A 36 -0.74 3.68 4.75
N SER A 37 -0.60 4.02 3.47
CA SER A 37 -1.73 4.01 2.54
C SER A 37 -2.14 2.59 2.12
N ASP A 38 -1.32 1.60 2.43
CA ASP A 38 -1.62 0.22 2.09
C ASP A 38 -2.79 -0.31 2.92
N GLU A 39 -2.98 0.31 4.07
CA GLU A 39 -4.07 -0.06 4.96
C GLU A 39 -5.05 1.09 5.12
N ALA A 40 -4.58 2.31 4.86
CA ALA A 40 -5.43 3.50 4.91
C ALA A 40 -6.46 3.44 3.79
N GLY A 41 -7.73 3.54 4.17
CA GLY A 41 -8.81 3.37 3.23
C GLY A 41 -9.66 2.17 3.59
N CYS A 42 -9.03 1.19 4.23
CA CYS A 42 -9.74 0.03 4.72
C CYS A 42 -10.34 0.34 6.08
N PRO A 43 -11.60 -0.07 6.30
CA PRO A 43 -12.29 0.20 7.57
C PRO A 43 -11.85 -0.76 8.69
N THR A 44 -10.71 -0.44 9.29
CA THR A 44 -10.18 -1.23 10.40
C THR A 44 -11.09 -1.08 11.62
N ARG A 45 -11.83 -2.13 11.91
CA ARG A 45 -12.80 -2.13 12.99
C ARG A 45 -12.43 -3.17 14.03
N PRO A 46 -12.46 -2.80 15.32
CA PRO A 46 -12.18 -3.73 16.41
C PRO A 46 -13.35 -4.69 16.66
N PRO A 47 -13.19 -5.98 16.35
CA PRO A 47 -14.25 -6.98 16.54
C PRO A 47 -14.35 -7.45 17.98
N GLY A 48 -15.49 -8.03 18.33
CA GLY A 48 -15.68 -8.54 19.67
C GLY A 48 -15.38 -10.03 19.74
CA CA B . -0.28 -4.03 4.65
#